data_3VB0
#
_entry.id   3VB0
#
_cell.length_a   131.587
_cell.length_b   131.587
_cell.length_c   103.146
_cell.angle_alpha   90.00
_cell.angle_beta   90.00
_cell.angle_gamma   90.00
#
_symmetry.space_group_name_H-M   'P 43 21 2'
#
loop_
_entity.id
_entity.type
_entity.pdbx_description
1 polymer 'Glyoxalase/bleomycin resistance protein/dioxygenase'
2 non-polymer 'FE (II) ION'
3 non-polymer 'HEXAETHYLENE GLYCOL'
4 non-polymer 'SULFATE ION'
5 water water
#
_entity_poly.entity_id   1
_entity_poly.type   'polypeptide(L)'
_entity_poly.pdbx_seq_one_letter_code
;MSVKQLGYLIFECRADVLEQMVVVYQDIIGAVVERDEGGRALVRLDGRPFRIRLDPGPANRLAAIGWNVDPSDLAAIAEQ
VEKACYSVVTADAELAADRAAAQVRQFADNDGFTHELYVESSFPTDPVLESLFVCGEEANGIFGLGHLVVIVADRAKTQS
FFTDVLGFGLSDRVTWPEADIFFLHCNQRHHTVALSAPALGLKPGMVHHLMLEAKSKEQVDRAFAAVKRLGYDVLMTIGQ
HSNDKVYSFYMMAPAGFAVELGFGGQVIGDLESWHVGFYDAPSIWGHELQLPAH
;
_entity_poly.pdbx_strand_id   A,B,C,D
#
# COMPACT_ATOMS: atom_id res chain seq x y z
N SER A 2 -45.25 -43.30 51.29
CA SER A 2 -46.10 -42.10 51.04
C SER A 2 -45.25 -40.87 50.68
N VAL A 3 -45.92 -39.80 50.26
CA VAL A 3 -45.23 -38.54 49.97
C VAL A 3 -44.51 -38.05 51.22
N LYS A 4 -43.29 -37.53 51.05
CA LYS A 4 -42.46 -37.11 52.20
C LYS A 4 -42.79 -35.68 52.60
N GLN A 5 -42.89 -34.78 51.60
CA GLN A 5 -43.16 -33.37 51.89
C GLN A 5 -43.50 -32.58 50.64
N LEU A 6 -44.15 -31.42 50.82
CA LEU A 6 -44.29 -30.45 49.76
C LEU A 6 -42.93 -29.80 49.59
N GLY A 7 -42.26 -30.10 48.49
CA GLY A 7 -40.89 -29.64 48.24
C GLY A 7 -40.78 -28.36 47.42
N TYR A 8 -41.69 -28.18 46.46
CA TYR A 8 -41.69 -26.94 45.65
C TYR A 8 -43.06 -26.65 45.06
N LEU A 9 -43.24 -25.41 44.65
CA LEU A 9 -44.41 -24.98 43.90
C LEU A 9 -43.90 -24.11 42.74
N ILE A 10 -44.48 -24.27 41.56
CA ILE A 10 -44.08 -23.47 40.41
C ILE A 10 -45.35 -22.82 39.90
N PHE A 11 -45.30 -21.49 39.82
CA PHE A 11 -46.43 -20.70 39.33
C PHE A 11 -46.04 -20.07 38.03
N GLU A 12 -47.01 -19.88 37.13
CA GLU A 12 -46.83 -19.00 35.98
C GLU A 12 -47.55 -17.70 36.28
N CYS A 13 -46.93 -16.58 35.89
CA CYS A 13 -47.51 -15.24 36.08
C CYS A 13 -47.36 -14.35 34.87
N ARG A 14 -48.32 -13.47 34.63
CA ARG A 14 -48.13 -12.39 33.63
C ARG A 14 -47.01 -11.49 34.14
N ALA A 15 -46.37 -10.77 33.23
CA ALA A 15 -45.15 -10.01 33.52
C ALA A 15 -45.27 -9.08 34.70
N ASP A 16 -46.37 -8.34 34.78
CA ASP A 16 -46.54 -7.38 35.87
C ASP A 16 -46.88 -8.03 37.18
N VAL A 17 -47.72 -9.06 37.13
CA VAL A 17 -48.03 -9.86 38.30
C VAL A 17 -46.75 -10.52 38.84
N LEU A 18 -45.88 -11.02 37.96
CA LEU A 18 -44.65 -11.65 38.44
C LEU A 18 -43.85 -10.65 39.30
N GLU A 19 -43.67 -9.43 38.80
CA GLU A 19 -42.88 -8.43 39.51
C GLU A 19 -43.49 -8.03 40.86
N GLN A 20 -44.81 -7.94 40.89
CA GLN A 20 -45.58 -7.68 42.12
C GLN A 20 -45.46 -8.82 43.14
N MET A 21 -45.42 -10.06 42.68
CA MET A 21 -45.26 -11.20 43.58
C MET A 21 -43.87 -11.24 44.22
N VAL A 22 -42.84 -10.80 43.49
CA VAL A 22 -41.52 -10.67 44.07
C VAL A 22 -41.57 -9.73 45.30
N VAL A 23 -42.31 -8.64 45.19
CA VAL A 23 -42.50 -7.77 46.36
C VAL A 23 -43.09 -8.55 47.56
N VAL A 24 -44.16 -9.30 47.33
CA VAL A 24 -44.75 -10.13 48.38
C VAL A 24 -43.70 -11.01 49.06
N TYR A 25 -42.96 -11.79 48.28
CA TYR A 25 -42.03 -12.77 48.87
C TYR A 25 -40.77 -12.13 49.47
N GLN A 26 -40.26 -11.10 48.82
CA GLN A 26 -39.00 -10.52 49.23
C GLN A 26 -39.25 -9.46 50.28
N ASP A 27 -40.19 -8.56 50.03
CA ASP A 27 -40.29 -7.36 50.83
C ASP A 27 -41.33 -7.44 51.94
N ILE A 28 -42.25 -8.40 51.85
CA ILE A 28 -43.16 -8.62 52.95
C ILE A 28 -42.77 -9.89 53.72
N ILE A 29 -42.70 -11.02 53.03
CA ILE A 29 -42.39 -12.32 53.67
C ILE A 29 -40.96 -12.37 54.18
N GLY A 30 -40.05 -11.68 53.51
CA GLY A 30 -38.64 -11.69 53.89
C GLY A 30 -37.88 -12.90 53.39
N ALA A 31 -38.37 -13.54 52.33
CA ALA A 31 -37.66 -14.66 51.73
C ALA A 31 -36.55 -14.11 50.82
N VAL A 32 -35.57 -14.95 50.46
CA VAL A 32 -34.60 -14.53 49.44
C VAL A 32 -35.18 -14.87 48.07
N VAL A 33 -35.20 -13.86 47.18
CA VAL A 33 -35.73 -14.06 45.83
C VAL A 33 -34.63 -13.75 44.81
N GLU A 34 -34.18 -14.80 44.11
CA GLU A 34 -33.15 -14.68 43.09
C GLU A 34 -33.79 -14.58 41.72
N ARG A 35 -33.15 -13.85 40.82
CA ARG A 35 -33.64 -13.75 39.43
C ARG A 35 -32.67 -14.47 38.49
N ASP A 36 -33.18 -15.14 37.46
CA ASP A 36 -32.28 -15.78 36.50
C ASP A 36 -32.32 -15.11 35.13
N GLU A 37 -31.60 -15.71 34.18
CA GLU A 37 -31.42 -15.17 32.83
C GLU A 37 -32.76 -14.97 32.10
N GLY A 38 -33.77 -15.78 32.45
CA GLY A 38 -35.06 -15.69 31.78
C GLY A 38 -36.10 -14.87 32.53
N GLY A 39 -35.68 -14.14 33.57
CA GLY A 39 -36.64 -13.33 34.35
C GLY A 39 -37.46 -14.13 35.36
N ARG A 40 -37.11 -15.40 35.58
CA ARG A 40 -37.81 -16.21 36.59
C ARG A 40 -37.47 -15.68 37.99
N ALA A 41 -38.33 -15.95 38.95
CA ALA A 41 -38.06 -15.54 40.34
C ALA A 41 -38.04 -16.80 41.21
N LEU A 42 -36.90 -17.04 41.82
CA LEU A 42 -36.67 -18.26 42.61
C LEU A 42 -36.77 -17.87 44.06
N VAL A 43 -37.87 -18.25 44.71
CA VAL A 43 -38.14 -17.87 46.11
C VAL A 43 -37.54 -18.93 47.01
N ARG A 44 -36.55 -18.51 47.79
CA ARG A 44 -35.77 -19.44 48.61
C ARG A 44 -36.05 -19.20 50.09
N LEU A 45 -36.27 -20.30 50.80
CA LEU A 45 -36.52 -20.32 52.24
C LEU A 45 -35.50 -21.18 52.97
N ASP A 46 -34.62 -21.83 52.21
CA ASP A 46 -33.51 -22.60 52.79
C ASP A 46 -32.43 -22.80 51.75
N GLY A 47 -31.64 -23.85 51.91
CA GLY A 47 -30.57 -24.13 50.98
C GLY A 47 -31.01 -24.48 49.57
N ARG A 48 -32.24 -24.92 49.38
CA ARG A 48 -32.71 -25.36 48.08
C ARG A 48 -32.68 -24.20 47.05
N PRO A 49 -32.29 -24.48 45.80
CA PRO A 49 -32.29 -23.46 44.74
C PRO A 49 -33.59 -22.68 44.63
N PHE A 50 -34.73 -23.34 44.80
CA PHE A 50 -36.02 -22.63 44.99
C PHE A 50 -36.97 -23.49 45.79
N ARG A 51 -37.86 -22.85 46.54
CA ARG A 51 -39.02 -23.54 47.11
C ARG A 51 -40.28 -23.13 46.37
N ILE A 52 -40.37 -21.86 46.01
CA ILE A 52 -41.42 -21.38 45.12
C ILE A 52 -40.74 -20.74 43.91
N ARG A 53 -41.19 -21.06 42.71
CA ARG A 53 -40.63 -20.40 41.52
C ARG A 53 -41.73 -19.76 40.71
N LEU A 54 -41.49 -18.54 40.24
CA LEU A 54 -42.44 -17.83 39.38
C LEU A 54 -41.86 -17.77 37.96
N ASP A 55 -42.63 -18.25 37.00
CA ASP A 55 -42.17 -18.29 35.59
C ASP A 55 -43.07 -17.39 34.75
N PRO A 56 -42.47 -16.61 33.82
CA PRO A 56 -43.36 -15.76 33.00
C PRO A 56 -44.25 -16.61 32.13
N GLY A 57 -45.53 -16.22 32.01
CA GLY A 57 -46.49 -16.95 31.19
C GLY A 57 -47.65 -16.04 30.84
N PRO A 58 -48.49 -16.45 29.88
CA PRO A 58 -49.64 -15.67 29.39
C PRO A 58 -50.80 -15.63 30.38
N ALA A 59 -50.78 -16.50 31.38
CA ALA A 59 -51.83 -16.49 32.40
C ALA A 59 -51.27 -16.81 33.76
N ASN A 60 -51.95 -16.31 34.78
CA ASN A 60 -51.61 -16.58 36.16
C ASN A 60 -52.19 -17.92 36.58
N ARG A 61 -51.33 -18.89 36.90
CA ARG A 61 -51.80 -20.19 37.38
C ARG A 61 -50.73 -20.93 38.15
N LEU A 62 -51.17 -21.86 39.02
CA LEU A 62 -50.26 -22.82 39.61
C LEU A 62 -49.90 -23.85 38.55
N ALA A 63 -48.62 -24.01 38.27
CA ALA A 63 -48.20 -24.82 37.14
C ALA A 63 -47.71 -26.21 37.56
N ALA A 64 -47.14 -26.33 38.76
CA ALA A 64 -46.64 -27.61 39.19
C ALA A 64 -46.56 -27.66 40.70
N ILE A 65 -46.98 -28.78 41.25
CA ILE A 65 -46.82 -29.04 42.67
C ILE A 65 -45.76 -30.15 42.83
N GLY A 66 -44.68 -29.85 43.57
CA GLY A 66 -43.58 -30.78 43.70
C GLY A 66 -43.62 -31.54 45.01
N TRP A 67 -44.04 -32.80 44.93
CA TRP A 67 -44.14 -33.68 46.09
C TRP A 67 -42.84 -34.47 46.18
N ASN A 68 -42.06 -34.16 47.21
CA ASN A 68 -40.80 -34.86 47.41
C ASN A 68 -41.13 -36.24 47.96
N VAL A 69 -40.47 -37.25 47.41
CA VAL A 69 -40.62 -38.63 47.92
C VAL A 69 -39.23 -39.25 48.09
N ASP A 70 -39.12 -40.21 49.01
CA ASP A 70 -37.86 -40.95 49.17
C ASP A 70 -37.63 -41.78 47.91
N PRO A 71 -36.36 -41.93 47.48
CA PRO A 71 -36.07 -42.75 46.31
C PRO A 71 -36.81 -44.07 46.32
N SER A 72 -36.84 -44.75 47.48
CA SER A 72 -37.40 -46.10 47.56
C SER A 72 -38.92 -46.14 47.39
N ASP A 73 -39.57 -45.00 47.59
CA ASP A 73 -41.02 -44.90 47.45
C ASP A 73 -41.50 -44.41 46.08
N LEU A 74 -40.61 -43.84 45.27
CA LEU A 74 -41.04 -43.18 44.03
C LEU A 74 -41.82 -44.10 43.09
N ALA A 75 -41.18 -45.18 42.66
CA ALA A 75 -41.80 -46.12 41.71
C ALA A 75 -43.10 -46.68 42.23
N ALA A 76 -43.16 -46.91 43.54
CA ALA A 76 -44.34 -47.52 44.15
C ALA A 76 -45.52 -46.55 44.14
N ILE A 77 -45.28 -45.29 44.55
CA ILE A 77 -46.35 -44.30 44.57
C ILE A 77 -46.84 -44.03 43.17
N ALA A 78 -45.92 -43.92 42.22
CA ALA A 78 -46.28 -43.69 40.82
C ALA A 78 -47.19 -44.82 40.34
N GLU A 79 -46.89 -46.05 40.76
CA GLU A 79 -47.73 -47.19 40.40
C GLU A 79 -49.17 -47.04 40.94
N GLN A 80 -49.32 -46.57 42.17
CA GLN A 80 -50.65 -46.42 42.74
C GLN A 80 -51.42 -45.30 42.05
N VAL A 81 -50.70 -44.25 41.63
CA VAL A 81 -51.33 -43.18 40.88
C VAL A 81 -51.89 -43.74 39.57
N GLU A 82 -51.09 -44.57 38.90
CA GLU A 82 -51.54 -45.15 37.65
C GLU A 82 -52.75 -46.02 37.87
N LYS A 83 -52.77 -46.76 38.97
CA LYS A 83 -53.90 -47.62 39.34
C LYS A 83 -55.15 -46.79 39.60
N ALA A 84 -54.96 -45.58 40.11
CA ALA A 84 -56.05 -44.63 40.27
C ALA A 84 -56.42 -43.99 38.94
N CYS A 85 -55.84 -44.50 37.86
CA CYS A 85 -56.16 -44.06 36.50
C CYS A 85 -55.70 -42.64 36.11
N TYR A 86 -54.62 -42.16 36.71
CA TYR A 86 -53.89 -41.01 36.13
C TYR A 86 -52.60 -41.51 35.47
N SER A 87 -52.35 -41.09 34.23
CA SER A 87 -51.12 -41.45 33.53
C SER A 87 -49.93 -40.70 34.12
N VAL A 88 -48.87 -41.43 34.45
CA VAL A 88 -47.64 -40.86 35.01
C VAL A 88 -46.50 -40.86 33.97
N VAL A 89 -46.01 -39.67 33.60
CA VAL A 89 -44.91 -39.59 32.63
C VAL A 89 -43.58 -39.34 33.31
N THR A 90 -42.53 -39.98 32.79
CA THR A 90 -41.18 -39.83 33.31
C THR A 90 -40.55 -38.58 32.71
N ALA A 91 -40.05 -37.68 33.56
CA ALA A 91 -39.43 -36.46 33.06
C ALA A 91 -38.07 -36.76 32.44
N ASP A 92 -37.72 -35.98 31.41
CA ASP A 92 -36.40 -36.10 30.80
C ASP A 92 -35.36 -35.38 31.63
N ALA A 93 -34.10 -35.41 31.18
CA ALA A 93 -33.01 -34.85 31.97
C ALA A 93 -33.15 -33.33 32.18
N GLU A 94 -33.59 -32.64 31.14
CA GLU A 94 -33.77 -31.19 31.16
C GLU A 94 -34.82 -30.79 32.18
N LEU A 95 -35.94 -31.51 32.21
CA LEU A 95 -37.01 -31.19 33.15
C LEU A 95 -36.57 -31.47 34.59
N ALA A 96 -35.94 -32.61 34.82
CA ALA A 96 -35.44 -32.95 36.16
C ALA A 96 -34.46 -31.90 36.68
N ALA A 97 -33.48 -31.54 35.85
CA ALA A 97 -32.53 -30.49 36.22
C ALA A 97 -33.24 -29.17 36.42
N ASP A 98 -34.22 -28.83 35.57
CA ASP A 98 -34.96 -27.57 35.73
C ASP A 98 -35.58 -27.49 37.14
N ARG A 99 -36.06 -28.62 37.64
CA ARG A 99 -36.71 -28.66 38.95
C ARG A 99 -35.68 -28.73 40.09
N ALA A 100 -34.40 -28.79 39.73
CA ALA A 100 -33.32 -29.11 40.68
C ALA A 100 -33.61 -30.44 41.39
N ALA A 101 -34.02 -31.44 40.63
CA ALA A 101 -34.41 -32.74 41.17
C ALA A 101 -33.59 -33.83 40.49
N ALA A 102 -33.43 -34.97 41.16
CA ALA A 102 -32.68 -36.08 40.57
C ALA A 102 -33.60 -36.88 39.63
N GLN A 103 -34.86 -37.00 40.01
CA GLN A 103 -35.89 -37.66 39.16
C GLN A 103 -37.23 -37.04 39.40
N VAL A 104 -38.06 -36.99 38.36
CA VAL A 104 -39.40 -36.40 38.45
C VAL A 104 -40.32 -37.29 37.62
N ARG A 105 -41.46 -37.64 38.20
CA ARG A 105 -42.56 -38.25 37.46
C ARG A 105 -43.75 -37.31 37.58
N GLN A 106 -44.42 -37.04 36.47
CA GLN A 106 -45.47 -36.03 36.43
C GLN A 106 -46.84 -36.64 36.08
N PHE A 107 -47.90 -36.11 36.68
CA PHE A 107 -49.27 -36.46 36.27
C PHE A 107 -50.21 -35.28 36.50
N ALA A 108 -51.35 -35.26 35.82
CA ALA A 108 -52.36 -34.22 36.04
C ALA A 108 -53.64 -34.81 36.59
N ASP A 109 -54.30 -34.10 37.48
CA ASP A 109 -55.52 -34.62 38.11
C ASP A 109 -56.78 -34.05 37.45
N ASN A 110 -57.96 -34.49 37.90
CA ASN A 110 -59.22 -34.01 37.32
C ASN A 110 -59.56 -32.59 37.70
N ASP A 111 -58.89 -32.03 38.70
CA ASP A 111 -59.12 -30.65 39.10
C ASP A 111 -58.18 -29.67 38.43
N GLY A 112 -57.42 -30.13 37.45
CA GLY A 112 -56.53 -29.26 36.68
C GLY A 112 -55.16 -28.98 37.28
N PHE A 113 -54.82 -29.66 38.38
CA PHE A 113 -53.49 -29.49 38.96
C PHE A 113 -52.49 -30.47 38.41
N THR A 114 -51.28 -29.99 38.16
CA THR A 114 -50.17 -30.83 37.74
C THR A 114 -49.32 -31.21 38.95
N HIS A 115 -49.14 -32.51 39.17
CA HIS A 115 -48.38 -33.04 40.31
C HIS A 115 -47.07 -33.61 39.82
N GLU A 116 -46.00 -33.39 40.59
CA GLU A 116 -44.71 -33.97 40.26
C GLU A 116 -44.15 -34.69 41.48
N LEU A 117 -44.01 -36.00 41.37
CA LEU A 117 -43.33 -36.81 42.37
C LEU A 117 -41.83 -36.77 42.04
N TYR A 118 -41.01 -36.38 43.01
CA TYR A 118 -39.60 -36.16 42.70
C TYR A 118 -38.66 -36.62 43.80
N VAL A 119 -37.48 -37.04 43.41
CA VAL A 119 -36.41 -37.32 44.34
C VAL A 119 -35.51 -36.10 44.36
N GLU A 120 -35.19 -35.65 45.57
CA GLU A 120 -34.42 -34.44 45.77
C GLU A 120 -32.95 -34.57 45.36
N SER A 121 -32.40 -33.47 44.82
CA SER A 121 -30.98 -33.29 44.60
C SER A 121 -30.38 -32.64 45.85
N SER A 122 -29.16 -33.02 46.22
CA SER A 122 -28.54 -32.43 47.40
C SER A 122 -28.31 -30.93 47.18
N PHE A 123 -28.34 -30.18 48.28
CA PHE A 123 -28.06 -28.75 48.25
C PHE A 123 -27.39 -28.34 49.56
N PRO A 124 -26.61 -27.23 49.55
CA PRO A 124 -25.88 -26.83 50.76
C PRO A 124 -26.80 -26.29 51.82
N THR A 125 -26.33 -26.29 53.05
CA THR A 125 -26.99 -25.59 54.15
C THR A 125 -26.99 -24.08 53.86
N ASP A 126 -28.01 -23.37 54.32
CA ASP A 126 -28.03 -21.91 54.31
C ASP A 126 -28.45 -21.43 55.71
N PRO A 127 -27.47 -21.29 56.63
CA PRO A 127 -27.78 -21.07 58.05
C PRO A 127 -28.62 -19.84 58.33
N VAL A 128 -28.32 -18.72 57.69
CA VAL A 128 -29.05 -17.49 57.93
C VAL A 128 -30.53 -17.66 57.53
N LEU A 129 -30.75 -18.11 56.30
CA LEU A 129 -32.10 -18.30 55.78
C LEU A 129 -32.85 -19.34 56.58
N GLU A 130 -32.17 -20.44 56.92
CA GLU A 130 -32.77 -21.50 57.73
C GLU A 130 -33.16 -21.02 59.13
N SER A 131 -32.51 -19.99 59.64
CA SER A 131 -32.88 -19.44 60.94
C SER A 131 -34.22 -18.69 60.86
N LEU A 132 -34.73 -18.49 59.64
CA LEU A 132 -35.88 -17.64 59.44
C LEU A 132 -37.23 -18.36 59.14
N PHE A 133 -37.16 -19.53 58.53
CA PHE A 133 -38.35 -20.24 58.08
C PHE A 133 -38.38 -21.69 58.51
N VAL A 134 -39.58 -22.20 58.83
CA VAL A 134 -39.74 -23.65 59.01
C VAL A 134 -39.94 -24.24 57.62
N CYS A 135 -38.95 -24.97 57.12
CA CYS A 135 -38.96 -25.46 55.75
C CYS A 135 -38.11 -26.71 55.65
N GLY A 136 -38.65 -27.78 55.08
CA GLY A 136 -37.85 -28.97 54.80
C GLY A 136 -37.50 -29.73 56.07
N GLU A 137 -36.23 -30.12 56.19
CA GLU A 137 -35.81 -30.90 57.33
C GLU A 137 -35.40 -30.00 58.49
N GLU A 138 -36.04 -30.21 59.63
CA GLU A 138 -35.79 -29.45 60.86
C GLU A 138 -35.32 -30.40 61.99
N ALA A 139 -34.94 -29.83 63.12
CA ALA A 139 -34.54 -30.63 64.30
C ALA A 139 -35.71 -31.45 64.82
N ASN A 140 -36.92 -30.93 64.72
CA ASN A 140 -38.11 -31.64 65.20
C ASN A 140 -38.90 -32.35 64.09
N GLY A 141 -38.29 -32.56 62.92
CA GLY A 141 -38.94 -33.35 61.90
C GLY A 141 -38.86 -32.83 60.49
N ILE A 142 -39.73 -33.36 59.62
CA ILE A 142 -39.78 -33.00 58.20
C ILE A 142 -41.04 -32.18 57.99
N PHE A 143 -40.92 -31.05 57.30
CA PHE A 143 -42.01 -30.08 57.24
C PHE A 143 -42.42 -29.65 55.82
N GLY A 144 -41.52 -29.81 54.86
CA GLY A 144 -41.74 -29.22 53.54
C GLY A 144 -41.80 -27.71 53.68
N LEU A 145 -42.29 -27.04 52.63
CA LEU A 145 -42.22 -25.57 52.56
C LEU A 145 -43.35 -24.81 53.23
N GLY A 146 -44.46 -25.49 53.50
CA GLY A 146 -45.67 -24.79 53.96
C GLY A 146 -46.87 -25.60 53.59
N HIS A 147 -48.02 -24.96 53.49
CA HIS A 147 -49.22 -25.63 53.01
C HIS A 147 -49.93 -24.90 51.90
N LEU A 148 -50.64 -25.69 51.10
CA LEU A 148 -51.46 -25.21 50.02
C LEU A 148 -52.89 -25.64 50.29
N VAL A 149 -53.83 -24.71 50.18
CA VAL A 149 -55.25 -25.02 50.32
C VAL A 149 -55.92 -24.81 48.96
N VAL A 150 -56.59 -25.86 48.48
CA VAL A 150 -57.20 -25.86 47.14
C VAL A 150 -58.69 -26.16 47.16
N ILE A 151 -59.40 -25.57 46.19
CA ILE A 151 -60.81 -25.84 45.95
C ILE A 151 -60.96 -26.90 44.86
N VAL A 152 -61.81 -27.89 45.10
CA VAL A 152 -62.03 -29.01 44.18
C VAL A 152 -63.53 -29.33 43.97
N ALA A 153 -63.85 -29.93 42.83
CA ALA A 153 -65.22 -30.28 42.50
C ALA A 153 -65.80 -31.30 43.48
N ASP A 154 -65.02 -32.33 43.75
CA ASP A 154 -65.46 -33.46 44.58
C ASP A 154 -64.46 -33.69 45.71
N ARG A 155 -64.74 -33.10 46.86
CA ARG A 155 -63.81 -33.13 47.98
C ARG A 155 -63.49 -34.56 48.44
N ALA A 156 -64.52 -35.38 48.60
CA ALA A 156 -64.35 -36.76 49.08
C ALA A 156 -63.41 -37.57 48.18
N LYS A 157 -63.62 -37.45 46.87
CA LYS A 157 -62.79 -38.20 45.93
C LYS A 157 -61.33 -37.73 46.02
N THR A 158 -61.12 -36.42 45.98
CA THR A 158 -59.78 -35.84 46.09
C THR A 158 -59.12 -36.23 47.40
N GLN A 159 -59.90 -36.19 48.48
CA GLN A 159 -59.40 -36.63 49.79
C GLN A 159 -58.99 -38.10 49.76
N SER A 160 -59.80 -38.95 49.12
CA SER A 160 -59.43 -40.37 48.93
C SER A 160 -58.14 -40.54 48.12
N PHE A 161 -57.98 -39.79 47.03
CA PHE A 161 -56.72 -39.82 46.27
C PHE A 161 -55.53 -39.44 47.18
N PHE A 162 -55.60 -38.26 47.83
CA PHE A 162 -54.52 -37.85 48.73
C PHE A 162 -54.26 -38.89 49.79
N THR A 163 -55.33 -39.42 50.39
CA THR A 163 -55.18 -40.37 51.49
C THR A 163 -54.74 -41.78 51.04
N ASP A 164 -55.49 -42.39 50.12
CA ASP A 164 -55.23 -43.79 49.74
C ASP A 164 -54.13 -43.96 48.71
N VAL A 165 -53.90 -42.93 47.90
CA VAL A 165 -52.86 -43.02 46.85
C VAL A 165 -51.56 -42.35 47.29
N LEU A 166 -51.64 -41.11 47.78
CA LEU A 166 -50.44 -40.34 48.11
C LEU A 166 -49.98 -40.54 49.54
N GLY A 167 -50.85 -41.08 50.37
CA GLY A 167 -50.47 -41.54 51.70
C GLY A 167 -50.59 -40.49 52.79
N PHE A 168 -51.37 -39.44 52.53
CA PHE A 168 -51.63 -38.39 53.51
C PHE A 168 -52.56 -38.91 54.59
N GLY A 169 -52.52 -38.31 55.78
CA GLY A 169 -53.47 -38.65 56.84
C GLY A 169 -54.27 -37.41 57.16
N LEU A 170 -55.49 -37.60 57.64
CA LEU A 170 -56.36 -36.50 58.00
C LEU A 170 -55.98 -35.95 59.37
N SER A 171 -55.83 -34.64 59.44
CA SER A 171 -55.49 -33.98 60.68
C SER A 171 -56.77 -33.65 61.42
N ASP A 172 -57.65 -32.92 60.76
CA ASP A 172 -58.89 -32.48 61.38
C ASP A 172 -59.80 -31.89 60.34
N ARG A 173 -61.05 -31.65 60.75
CA ARG A 173 -62.05 -31.03 59.91
C ARG A 173 -62.57 -29.81 60.64
N VAL A 174 -62.64 -28.68 59.94
CA VAL A 174 -63.18 -27.45 60.51
C VAL A 174 -64.42 -27.05 59.71
N THR A 175 -65.55 -26.99 60.41
CA THR A 175 -66.85 -26.80 59.78
C THR A 175 -67.65 -25.69 60.46
N TRP A 176 -68.10 -24.75 59.65
CA TRP A 176 -69.00 -23.67 60.10
C TRP A 176 -69.92 -23.26 58.96
N PRO A 177 -70.93 -22.42 59.23
CA PRO A 177 -71.95 -22.14 58.20
C PRO A 177 -71.42 -21.83 56.80
N GLU A 178 -70.24 -21.22 56.73
CA GLU A 178 -69.66 -20.78 55.45
C GLU A 178 -68.80 -21.82 54.75
N ALA A 179 -68.18 -22.72 55.51
CA ALA A 179 -67.27 -23.69 54.90
C ALA A 179 -67.10 -24.99 55.67
N ASP A 180 -66.52 -25.97 54.98
CA ASP A 180 -66.25 -27.29 55.51
C ASP A 180 -64.91 -27.79 54.97
N ILE A 181 -63.85 -27.56 55.74
CA ILE A 181 -62.48 -27.76 55.24
C ILE A 181 -61.77 -28.97 55.88
N PHE A 182 -61.06 -29.73 55.05
CA PHE A 182 -60.41 -30.98 55.45
C PHE A 182 -58.89 -30.84 55.35
N PHE A 183 -58.22 -30.94 56.50
CA PHE A 183 -56.79 -30.66 56.59
C PHE A 183 -55.99 -31.95 56.66
N LEU A 184 -55.00 -32.07 55.78
CA LEU A 184 -54.25 -33.31 55.57
C LEU A 184 -52.76 -33.11 55.73
N HIS A 185 -52.13 -34.07 56.38
CA HIS A 185 -50.71 -34.02 56.66
C HIS A 185 -50.00 -35.19 56.01
N CYS A 186 -48.70 -35.03 55.79
CA CYS A 186 -47.90 -36.14 55.32
C CYS A 186 -46.59 -36.21 56.05
N ASN A 187 -46.42 -35.34 57.04
CA ASN A 187 -45.21 -35.30 57.87
C ASN A 187 -45.54 -34.53 59.16
N GLN A 188 -44.53 -33.89 59.76
CA GLN A 188 -44.72 -33.12 61.00
C GLN A 188 -45.61 -31.89 60.90
N ARG A 189 -45.66 -31.27 59.73
CA ARG A 189 -46.45 -30.06 59.55
C ARG A 189 -47.95 -30.39 59.71
N HIS A 190 -48.66 -29.63 60.55
CA HIS A 190 -50.05 -29.94 60.87
C HIS A 190 -50.86 -30.25 59.63
N HIS A 191 -50.67 -29.45 58.59
CA HIS A 191 -51.18 -29.83 57.29
C HIS A 191 -50.30 -29.27 56.18
N THR A 192 -50.18 -30.05 55.12
CA THR A 192 -49.44 -29.67 53.93
C THR A 192 -50.44 -29.29 52.83
N VAL A 193 -51.62 -29.90 52.89
CA VAL A 193 -52.72 -29.61 51.96
C VAL A 193 -54.02 -29.53 52.74
N ALA A 194 -54.89 -28.62 52.34
CA ALA A 194 -56.29 -28.64 52.82
C ALA A 194 -57.24 -28.56 51.64
N LEU A 195 -58.37 -29.25 51.76
CA LEU A 195 -59.32 -29.40 50.68
C LEU A 195 -60.68 -28.82 51.04
N SER A 196 -61.27 -28.12 50.07
CA SER A 196 -62.63 -27.61 50.19
C SER A 196 -63.39 -27.81 48.88
N ALA A 197 -64.70 -28.04 48.99
CA ALA A 197 -65.63 -27.96 47.87
C ALA A 197 -65.86 -26.48 47.50
N PRO A 198 -66.50 -26.19 46.35
CA PRO A 198 -66.78 -24.82 45.97
C PRO A 198 -67.53 -24.01 47.03
N ALA A 199 -67.21 -22.72 47.12
CA ALA A 199 -67.80 -21.87 48.13
C ALA A 199 -67.98 -20.46 47.59
N LEU A 200 -68.60 -19.60 48.41
CA LEU A 200 -68.74 -18.20 48.04
C LEU A 200 -67.37 -17.70 47.59
N GLY A 201 -67.27 -17.43 46.29
CA GLY A 201 -66.07 -16.90 45.70
C GLY A 201 -65.40 -17.92 44.79
N LEU A 202 -65.12 -19.09 45.34
CA LEU A 202 -64.13 -19.97 44.75
C LEU A 202 -64.71 -21.18 44.01
N LYS A 203 -64.02 -21.56 42.93
CA LYS A 203 -64.47 -22.62 42.04
C LYS A 203 -63.43 -23.74 41.97
N PRO A 204 -63.85 -24.95 41.58
CA PRO A 204 -62.94 -26.09 41.48
C PRO A 204 -61.65 -25.73 40.74
N GLY A 205 -60.51 -26.14 41.29
CA GLY A 205 -59.20 -25.91 40.68
C GLY A 205 -58.52 -24.60 41.06
N MET A 206 -59.19 -23.79 41.88
CA MET A 206 -58.60 -22.57 42.39
C MET A 206 -57.78 -22.82 43.67
N VAL A 207 -56.74 -22.02 43.84
CA VAL A 207 -55.97 -21.97 45.08
C VAL A 207 -56.67 -21.02 46.04
N HIS A 208 -57.02 -21.52 47.22
CA HIS A 208 -57.55 -20.66 48.28
C HIS A 208 -56.42 -19.82 48.89
N HIS A 209 -55.43 -20.50 49.45
CA HIS A 209 -54.23 -19.82 49.91
C HIS A 209 -53.03 -20.74 49.95
N LEU A 210 -51.89 -20.08 50.14
CA LEU A 210 -50.61 -20.70 50.36
C LEU A 210 -50.13 -20.20 51.71
N MET A 211 -49.42 -21.03 52.46
CA MET A 211 -48.87 -20.57 53.73
C MET A 211 -47.38 -20.85 53.85
N LEU A 212 -46.64 -19.84 54.31
CA LEU A 212 -45.24 -20.01 54.70
C LEU A 212 -45.12 -19.80 56.22
N GLU A 213 -44.09 -20.38 56.82
CA GLU A 213 -43.99 -20.38 58.27
C GLU A 213 -42.67 -19.78 58.74
N ALA A 214 -42.75 -18.66 59.44
CA ALA A 214 -41.59 -18.00 60.04
C ALA A 214 -41.17 -18.71 61.34
N LYS A 215 -39.92 -18.49 61.76
CA LYS A 215 -39.42 -19.08 62.98
C LYS A 215 -39.54 -18.17 64.22
N SER A 216 -40.21 -17.02 64.09
CA SER A 216 -40.45 -16.18 65.26
C SER A 216 -41.75 -15.41 65.08
N LYS A 217 -42.41 -15.12 66.20
CA LYS A 217 -43.63 -14.36 66.17
C LYS A 217 -43.36 -12.94 65.64
N GLU A 218 -42.18 -12.42 65.95
CA GLU A 218 -41.83 -11.05 65.55
C GLU A 218 -41.75 -10.89 64.02
N GLN A 219 -41.28 -11.93 63.32
CA GLN A 219 -41.32 -11.93 61.84
C GLN A 219 -42.73 -11.72 61.31
N VAL A 220 -43.71 -12.37 61.94
CA VAL A 220 -45.08 -12.24 61.52
C VAL A 220 -45.59 -10.82 61.76
N ASP A 221 -45.33 -10.28 62.95
CA ASP A 221 -45.72 -8.89 63.26
C ASP A 221 -45.05 -7.88 62.32
N ARG A 222 -43.77 -8.07 62.04
CA ARG A 222 -43.05 -7.20 61.11
C ARG A 222 -43.69 -7.25 59.70
N ALA A 223 -43.87 -8.46 59.18
CA ALA A 223 -44.47 -8.64 57.84
C ALA A 223 -45.84 -7.99 57.79
N PHE A 224 -46.63 -8.20 58.84
CA PHE A 224 -47.96 -7.57 58.94
C PHE A 224 -47.87 -6.04 58.90
N ALA A 225 -46.95 -5.47 59.67
CA ALA A 225 -46.71 -4.03 59.62
C ALA A 225 -46.34 -3.60 58.19
N ALA A 226 -45.48 -4.38 57.55
CA ALA A 226 -45.03 -4.08 56.18
C ALA A 226 -46.17 -4.04 55.15
N VAL A 227 -47.11 -4.99 55.22
CA VAL A 227 -48.31 -4.94 54.37
C VAL A 227 -48.97 -3.56 54.47
N LYS A 228 -49.20 -3.12 55.70
CA LYS A 228 -49.84 -1.82 55.96
C LYS A 228 -48.95 -0.64 55.53
N ARG A 229 -47.71 -0.63 56.02
CA ARG A 229 -46.75 0.43 55.70
C ARG A 229 -46.51 0.60 54.19
N LEU A 230 -46.51 -0.50 53.45
CA LEU A 230 -46.28 -0.45 52.00
C LEU A 230 -47.58 -0.13 51.27
N GLY A 231 -48.61 0.15 52.06
CA GLY A 231 -49.86 0.68 51.52
C GLY A 231 -50.82 -0.36 51.00
N TYR A 232 -50.56 -1.62 51.30
CA TYR A 232 -51.43 -2.70 50.85
C TYR A 232 -52.59 -2.97 51.81
N ASP A 233 -53.45 -3.89 51.42
CA ASP A 233 -54.63 -4.24 52.20
C ASP A 233 -54.45 -5.62 52.82
N VAL A 234 -55.02 -5.79 53.99
CA VAL A 234 -54.99 -7.05 54.73
C VAL A 234 -56.25 -7.83 54.38
N LEU A 235 -56.11 -9.13 54.15
CA LEU A 235 -57.29 -9.97 53.95
C LEU A 235 -57.88 -10.38 55.30
N MET A 236 -57.05 -10.98 56.14
CA MET A 236 -57.37 -11.31 57.52
C MET A 236 -56.29 -10.81 58.47
N THR A 237 -56.70 -10.08 59.50
CA THR A 237 -55.79 -9.55 60.50
C THR A 237 -55.17 -10.69 61.32
N ILE A 238 -54.18 -10.34 62.14
CA ILE A 238 -53.49 -11.32 62.95
C ILE A 238 -54.49 -12.13 63.77
N GLY A 239 -54.22 -13.42 63.91
CA GLY A 239 -55.10 -14.33 64.63
C GLY A 239 -54.42 -15.65 64.91
N GLN A 240 -55.19 -16.58 65.49
CA GLN A 240 -54.68 -17.92 65.79
C GLN A 240 -55.76 -18.89 65.36
N HIS A 241 -55.37 -19.86 64.53
CA HIS A 241 -56.31 -20.87 64.06
C HIS A 241 -56.55 -21.91 65.15
N SER A 242 -57.77 -22.44 65.15
CA SER A 242 -58.16 -23.37 66.20
C SER A 242 -57.48 -24.72 66.01
N ASN A 243 -57.35 -25.17 64.76
CA ASN A 243 -56.77 -26.50 64.51
C ASN A 243 -55.25 -26.52 64.55
N ASP A 244 -54.60 -25.75 63.69
CA ASP A 244 -53.13 -25.76 63.66
C ASP A 244 -52.44 -24.84 64.69
N LYS A 245 -53.22 -24.00 65.37
CA LYS A 245 -52.67 -23.12 66.44
C LYS A 245 -51.74 -22.03 65.90
N VAL A 246 -51.67 -21.92 64.58
CA VAL A 246 -50.79 -20.97 63.93
C VAL A 246 -51.15 -19.52 64.27
N TYR A 247 -50.14 -18.75 64.63
CA TYR A 247 -50.27 -17.30 64.77
C TYR A 247 -49.97 -16.69 63.39
N SER A 248 -50.98 -16.13 62.73
CA SER A 248 -50.78 -15.71 61.34
C SER A 248 -51.68 -14.56 60.92
N PHE A 249 -51.34 -13.98 59.76
CA PHE A 249 -52.25 -13.09 59.05
C PHE A 249 -52.32 -13.52 57.58
N TYR A 250 -53.31 -13.00 56.86
CA TYR A 250 -53.49 -13.30 55.44
C TYR A 250 -53.50 -12.03 54.63
N MET A 251 -52.94 -12.10 53.43
CA MET A 251 -53.03 -11.00 52.49
C MET A 251 -53.46 -11.55 51.15
N MET A 252 -54.15 -10.74 50.37
CA MET A 252 -54.54 -11.11 49.02
C MET A 252 -53.41 -10.75 48.07
N ALA A 253 -52.87 -11.74 47.38
CA ALA A 253 -51.77 -11.52 46.46
C ALA A 253 -52.29 -11.20 45.07
N PRO A 254 -51.52 -10.43 44.28
CA PRO A 254 -51.87 -10.08 42.88
C PRO A 254 -52.12 -11.26 41.95
N ALA A 255 -51.52 -12.42 42.25
CA ALA A 255 -51.71 -13.59 41.40
C ALA A 255 -53.08 -14.23 41.62
N GLY A 256 -53.86 -13.64 42.53
CA GLY A 256 -55.26 -14.01 42.66
C GLY A 256 -55.60 -15.07 43.70
N PHE A 257 -54.71 -15.24 44.68
CA PHE A 257 -54.95 -16.11 45.84
C PHE A 257 -54.32 -15.48 47.07
N ALA A 258 -54.75 -15.90 48.26
CA ALA A 258 -54.19 -15.35 49.50
C ALA A 258 -52.85 -15.97 49.87
N VAL A 259 -52.04 -15.19 50.55
CA VAL A 259 -50.78 -15.68 51.09
C VAL A 259 -50.82 -15.47 52.60
N GLU A 260 -50.46 -16.51 53.33
CA GLU A 260 -50.49 -16.50 54.79
C GLU A 260 -49.07 -16.64 55.31
N LEU A 261 -48.70 -15.80 56.27
CA LEU A 261 -47.43 -16.00 56.96
C LEU A 261 -47.76 -16.27 58.40
N GLY A 262 -47.29 -17.41 58.91
CA GLY A 262 -47.64 -17.81 60.27
C GLY A 262 -46.48 -18.25 61.13
N PHE A 263 -46.75 -18.38 62.43
CA PHE A 263 -45.76 -18.84 63.39
C PHE A 263 -46.37 -19.80 64.43
N GLY A 264 -45.58 -20.79 64.86
CA GLY A 264 -45.93 -21.66 65.96
C GLY A 264 -46.97 -22.70 65.59
N GLY A 265 -46.84 -23.28 64.40
CA GLY A 265 -47.76 -24.33 63.94
C GLY A 265 -47.65 -25.60 64.76
N GLN A 266 -48.80 -26.18 65.11
CA GLN A 266 -48.84 -27.47 65.82
C GLN A 266 -48.09 -28.53 65.03
N VAL A 267 -47.24 -29.28 65.72
CA VAL A 267 -46.47 -30.36 65.13
C VAL A 267 -47.20 -31.70 65.32
N ILE A 268 -47.24 -32.52 64.26
CA ILE A 268 -47.70 -33.92 64.37
C ILE A 268 -46.48 -34.78 64.72
N GLY A 269 -46.29 -35.03 66.00
CA GLY A 269 -45.14 -35.80 66.47
C GLY A 269 -45.11 -37.24 65.97
N ASP A 270 -46.22 -37.94 66.07
CA ASP A 270 -46.27 -39.34 65.65
C ASP A 270 -47.50 -39.51 64.81
N LEU A 271 -47.29 -39.71 63.51
CA LEU A 271 -48.42 -39.75 62.59
C LEU A 271 -49.31 -40.94 62.88
N GLU A 272 -48.73 -42.06 63.31
CA GLU A 272 -49.51 -43.28 63.50
C GLU A 272 -50.55 -43.12 64.58
N SER A 273 -50.30 -42.27 65.56
CA SER A 273 -51.22 -42.15 66.68
C SER A 273 -52.00 -40.83 66.71
N TRP A 274 -51.84 -39.99 65.68
CA TRP A 274 -52.60 -38.73 65.56
C TRP A 274 -54.12 -38.98 65.56
N HIS A 275 -54.83 -38.23 66.38
CA HIS A 275 -56.28 -38.28 66.41
C HIS A 275 -56.89 -37.23 65.50
N VAL A 276 -57.81 -37.68 64.64
CA VAL A 276 -58.53 -36.75 63.79
C VAL A 276 -59.36 -35.81 64.66
N GLY A 277 -59.16 -34.51 64.52
CA GLY A 277 -59.89 -33.52 65.33
C GLY A 277 -61.07 -32.92 64.60
N PHE A 278 -61.96 -32.28 65.35
CA PHE A 278 -63.15 -31.65 64.77
C PHE A 278 -63.38 -30.31 65.48
N TYR A 279 -63.58 -29.26 64.70
CA TYR A 279 -63.72 -27.89 65.22
C TYR A 279 -64.89 -27.20 64.54
N ASP A 280 -65.62 -26.38 65.29
CA ASP A 280 -66.78 -25.66 64.78
C ASP A 280 -66.46 -24.23 64.34
N ALA A 281 -65.24 -23.79 64.60
CA ALA A 281 -64.79 -22.45 64.19
C ALA A 281 -63.32 -22.47 63.78
N PRO A 282 -62.97 -21.68 62.75
CA PRO A 282 -61.61 -21.73 62.22
C PRO A 282 -60.56 -21.03 63.09
N SER A 283 -60.97 -20.05 63.89
CA SER A 283 -60.01 -19.31 64.71
C SER A 283 -60.39 -19.18 66.21
N ILE A 284 -59.37 -19.17 67.06
CA ILE A 284 -59.51 -18.91 68.50
C ILE A 284 -59.80 -17.43 68.74
N TRP A 285 -58.98 -16.56 68.15
CA TRP A 285 -59.14 -15.11 68.27
C TRP A 285 -58.56 -14.44 67.03
N GLY A 286 -58.88 -13.16 66.83
CA GLY A 286 -58.34 -12.38 65.71
C GLY A 286 -58.81 -12.92 64.37
N HIS A 287 -57.95 -12.83 63.35
CA HIS A 287 -58.30 -13.29 62.00
C HIS A 287 -59.58 -12.65 61.47
N GLU A 288 -59.70 -11.33 61.69
CA GLU A 288 -60.87 -10.58 61.25
C GLU A 288 -60.79 -10.32 59.75
N LEU A 289 -61.84 -10.75 59.04
CA LEU A 289 -61.93 -10.54 57.61
C LEU A 289 -62.00 -9.04 57.33
N GLN A 290 -61.16 -8.56 56.42
CA GLN A 290 -60.89 -7.11 56.24
C GLN A 290 -60.23 -6.52 57.49
N SER B 2 -0.50 -11.61 13.14
CA SER B 2 -1.53 -10.59 12.88
C SER B 2 -2.91 -11.18 13.15
N VAL B 3 -3.95 -10.36 13.28
CA VAL B 3 -5.28 -10.97 13.53
C VAL B 3 -5.67 -11.81 12.32
N LYS B 4 -6.43 -12.88 12.55
CA LYS B 4 -6.73 -13.86 11.49
C LYS B 4 -7.99 -13.44 10.73
N GLN B 5 -9.01 -13.02 11.48
CA GLN B 5 -10.28 -12.64 10.85
C GLN B 5 -11.21 -11.96 11.84
N LEU B 6 -12.19 -11.24 11.32
CA LEU B 6 -13.25 -10.71 12.15
C LEU B 6 -14.18 -11.90 12.43
N GLY B 7 -14.18 -12.37 13.67
CA GLY B 7 -14.91 -13.60 14.05
C GLY B 7 -16.32 -13.36 14.56
N TYR B 8 -16.53 -12.26 15.31
CA TYR B 8 -17.89 -11.94 15.81
C TYR B 8 -18.05 -10.45 16.10
N LEU B 9 -19.30 -10.01 16.17
CA LEU B 9 -19.65 -8.68 16.61
C LEU B 9 -20.78 -8.83 17.65
N ILE B 10 -20.73 -8.03 18.71
CA ILE B 10 -21.76 -8.06 19.72
C ILE B 10 -22.30 -6.66 19.83
N PHE B 11 -23.61 -6.53 19.63
CA PHE B 11 -24.29 -5.24 19.72
C PHE B 11 -25.20 -5.26 20.94
N GLU B 12 -25.36 -4.10 21.58
CA GLU B 12 -26.45 -3.93 22.56
C GLU B 12 -27.56 -3.13 21.89
N CYS B 13 -28.82 -3.49 22.16
CA CYS B 13 -30.00 -2.85 21.54
C CYS B 13 -31.09 -2.62 22.56
N ARG B 14 -31.80 -1.50 22.45
CA ARG B 14 -33.03 -1.34 23.21
C ARG B 14 -34.02 -2.40 22.75
N ALA B 15 -34.99 -2.72 23.59
CA ALA B 15 -35.87 -3.88 23.39
C ALA B 15 -36.53 -3.91 22.02
N ASP B 16 -37.10 -2.78 21.60
CA ASP B 16 -37.81 -2.69 20.34
C ASP B 16 -36.83 -2.73 19.17
N VAL B 17 -35.71 -2.04 19.31
CA VAL B 17 -34.70 -2.07 18.26
C VAL B 17 -34.17 -3.49 18.04
N LEU B 18 -33.94 -4.23 19.13
CA LEU B 18 -33.49 -5.62 19.02
C LEU B 18 -34.44 -6.45 18.15
N GLU B 19 -35.75 -6.33 18.41
CA GLU B 19 -36.76 -7.10 17.66
C GLU B 19 -36.79 -6.76 16.16
N GLN B 20 -36.64 -5.49 15.84
CA GLN B 20 -36.55 -5.01 14.45
C GLN B 20 -35.28 -5.50 13.76
N MET B 21 -34.16 -5.50 14.47
CA MET B 21 -32.91 -6.01 13.88
C MET B 21 -33.01 -7.50 13.55
N VAL B 22 -33.74 -8.28 14.36
CA VAL B 22 -33.97 -9.68 14.01
C VAL B 22 -34.63 -9.78 12.62
N VAL B 23 -35.61 -8.93 12.35
CA VAL B 23 -36.22 -8.85 11.02
C VAL B 23 -35.13 -8.64 9.94
N VAL B 24 -34.28 -7.64 10.12
CA VAL B 24 -33.19 -7.40 9.16
C VAL B 24 -32.41 -8.69 8.88
N TYR B 25 -31.92 -9.33 9.93
CA TYR B 25 -31.02 -10.47 9.73
C TYR B 25 -31.75 -11.72 9.27
N GLN B 26 -32.94 -11.96 9.78
CA GLN B 26 -33.64 -13.18 9.48
C GLN B 26 -34.44 -13.07 8.18
N ASP B 27 -35.19 -11.99 8.05
CA ASP B 27 -36.20 -11.90 7.00
C ASP B 27 -35.75 -11.09 5.76
N ILE B 28 -34.70 -10.31 5.91
CA ILE B 28 -34.10 -9.69 4.73
C ILE B 28 -32.79 -10.41 4.32
N ILE B 29 -31.84 -10.49 5.24
CA ILE B 29 -30.52 -11.09 4.95
C ILE B 29 -30.61 -12.60 4.73
N GLY B 30 -31.56 -13.24 5.39
CA GLY B 30 -31.72 -14.70 5.29
C GLY B 30 -30.77 -15.47 6.19
N ALA B 31 -30.26 -14.84 7.23
CA ALA B 31 -29.36 -15.55 8.15
C ALA B 31 -30.23 -16.40 9.10
N VAL B 32 -29.62 -17.34 9.84
CA VAL B 32 -30.38 -18.04 10.89
C VAL B 32 -30.24 -17.24 12.20
N VAL B 33 -31.36 -16.96 12.87
CA VAL B 33 -31.33 -16.14 14.06
C VAL B 33 -32.00 -16.93 15.19
N GLU B 34 -31.20 -17.38 16.16
CA GLU B 34 -31.66 -18.16 17.31
C GLU B 34 -31.86 -17.23 18.47
N ARG B 35 -32.83 -17.54 19.31
CA ARG B 35 -33.08 -16.74 20.53
C ARG B 35 -32.72 -17.57 21.76
N ASP B 36 -32.20 -16.95 22.81
CA ASP B 36 -31.89 -17.72 24.02
C ASP B 36 -32.77 -17.34 25.20
N GLU B 37 -32.49 -17.90 26.37
CA GLU B 37 -33.31 -17.69 27.56
C GLU B 37 -33.42 -16.21 27.95
N GLY B 38 -32.34 -15.45 27.71
CA GLY B 38 -32.35 -14.04 28.05
C GLY B 38 -32.87 -13.13 26.96
N GLY B 39 -33.45 -13.69 25.91
CA GLY B 39 -33.93 -12.89 24.78
C GLY B 39 -32.83 -12.35 23.86
N ARG B 40 -31.61 -12.85 24.00
CA ARG B 40 -30.56 -12.45 23.06
C ARG B 40 -30.87 -13.01 21.65
N ALA B 41 -30.30 -12.42 20.61
CA ALA B 41 -30.48 -12.93 19.24
C ALA B 41 -29.13 -13.27 18.67
N LEU B 42 -28.96 -14.53 18.33
CA LEU B 42 -27.68 -15.07 17.86
C LEU B 42 -27.77 -15.24 16.35
N VAL B 43 -27.09 -14.37 15.61
CA VAL B 43 -27.17 -14.35 14.16
C VAL B 43 -26.08 -15.26 13.61
N ARG B 44 -26.52 -16.33 12.95
CA ARG B 44 -25.62 -17.36 12.47
C ARG B 44 -25.52 -17.36 10.96
N LEU B 45 -24.28 -17.45 10.49
CA LEU B 45 -23.95 -17.48 9.06
C LEU B 45 -23.18 -18.75 8.71
N ASP B 46 -22.81 -19.52 9.74
CA ASP B 46 -22.17 -20.82 9.55
C ASP B 46 -22.35 -21.66 10.81
N GLY B 47 -21.44 -22.61 11.01
CA GLY B 47 -21.51 -23.52 12.14
C GLY B 47 -21.37 -22.83 13.48
N ARG B 48 -20.73 -21.66 13.53
CA ARG B 48 -20.47 -20.99 14.81
C ARG B 48 -21.78 -20.66 15.53
N PRO B 49 -21.79 -20.82 16.86
CA PRO B 49 -22.96 -20.44 17.67
C PRO B 49 -23.51 -19.03 17.38
N PHE B 50 -22.63 -18.07 17.11
CA PHE B 50 -23.08 -16.79 16.55
C PHE B 50 -21.94 -16.10 15.80
N ARG B 51 -22.31 -15.25 14.85
CA ARG B 51 -21.36 -14.34 14.22
C ARG B 51 -21.68 -12.92 14.62
N ILE B 52 -22.97 -12.60 14.66
CA ILE B 52 -23.43 -11.34 15.24
C ILE B 52 -24.38 -11.69 16.38
N ARG B 53 -24.19 -11.08 17.54
CA ARG B 53 -25.14 -11.28 18.65
C ARG B 53 -25.69 -9.94 19.08
N LEU B 54 -27.01 -9.92 19.31
CA LEU B 54 -27.71 -8.75 19.83
C LEU B 54 -28.11 -9.01 21.28
N ASP B 55 -27.67 -8.13 22.18
CA ASP B 55 -27.95 -8.25 23.63
C ASP B 55 -28.84 -7.09 24.07
N PRO B 56 -29.81 -7.34 24.96
CA PRO B 56 -30.67 -6.26 25.43
C PRO B 56 -29.85 -5.30 26.24
N GLY B 57 -30.06 -4.00 26.03
CA GLY B 57 -29.31 -3.00 26.76
C GLY B 57 -30.08 -1.71 26.70
N PRO B 58 -29.71 -0.74 27.55
CA PRO B 58 -30.39 0.55 27.63
C PRO B 58 -30.01 1.52 26.49
N ALA B 59 -28.99 1.17 25.71
CA ALA B 59 -28.58 1.99 24.56
C ALA B 59 -28.17 1.12 23.39
N ASN B 60 -28.36 1.64 22.19
CA ASN B 60 -27.93 0.96 20.99
C ASN B 60 -26.48 1.28 20.76
N ARG B 61 -25.64 0.25 20.76
CA ARG B 61 -24.22 0.45 20.51
C ARG B 61 -23.53 -0.85 20.16
N LEU B 62 -22.41 -0.75 19.45
CA LEU B 62 -21.51 -1.87 19.21
C LEU B 62 -20.76 -2.13 20.51
N ALA B 63 -20.88 -3.32 21.05
CA ALA B 63 -20.37 -3.62 22.38
C ALA B 63 -19.02 -4.30 22.35
N ALA B 64 -18.79 -5.17 21.35
CA ALA B 64 -17.52 -5.85 21.27
C ALA B 64 -17.24 -6.26 19.86
N ILE B 65 -15.99 -6.12 19.47
CA ILE B 65 -15.49 -6.61 18.19
C ILE B 65 -14.57 -7.80 18.47
N GLY B 66 -14.90 -8.96 17.91
CA GLY B 66 -14.15 -10.16 18.17
C GLY B 66 -13.18 -10.51 17.06
N TRP B 67 -11.90 -10.24 17.31
CA TRP B 67 -10.82 -10.49 16.35
C TRP B 67 -10.28 -11.86 16.65
N ASN B 68 -10.54 -12.80 15.76
CA ASN B 68 -10.01 -14.14 15.90
C ASN B 68 -8.51 -14.11 15.62
N VAL B 69 -7.74 -14.79 16.47
CA VAL B 69 -6.31 -14.93 16.24
C VAL B 69 -5.92 -16.41 16.42
N ASP B 70 -4.86 -16.84 15.75
CA ASP B 70 -4.33 -18.19 16.01
C ASP B 70 -3.75 -18.24 17.43
N PRO B 71 -3.86 -19.40 18.10
CA PRO B 71 -3.32 -19.53 19.45
C PRO B 71 -1.91 -18.98 19.57
N SER B 72 -1.05 -19.26 18.59
CA SER B 72 0.36 -18.88 18.70
C SER B 72 0.59 -17.38 18.60
N ASP B 73 -0.39 -16.64 18.07
CA ASP B 73 -0.25 -15.20 17.93
C ASP B 73 -0.91 -14.40 19.06
N LEU B 74 -1.75 -15.04 19.86
CA LEU B 74 -2.55 -14.30 20.84
C LEU B 74 -1.69 -13.48 21.81
N ALA B 75 -0.77 -14.14 22.49
CA ALA B 75 0.08 -13.49 23.48
C ALA B 75 0.93 -12.42 22.85
N ALA B 76 1.37 -12.67 21.62
CA ALA B 76 2.24 -11.71 20.93
C ALA B 76 1.49 -10.41 20.57
N ILE B 77 0.31 -10.56 19.97
CA ILE B 77 -0.50 -9.41 19.58
C ILE B 77 -0.91 -8.59 20.80
N ALA B 78 -1.33 -9.29 21.85
CA ALA B 78 -1.72 -8.61 23.09
C ALA B 78 -0.56 -7.76 23.59
N GLU B 79 0.66 -8.28 23.47
CA GLU B 79 1.83 -7.51 23.91
C GLU B 79 2.03 -6.23 23.09
N GLN B 80 1.78 -6.29 21.79
CA GLN B 80 1.94 -5.08 20.98
C GLN B 80 0.86 -4.03 21.30
N VAL B 81 -0.36 -4.48 21.60
CA VAL B 81 -1.43 -3.60 22.03
C VAL B 81 -1.03 -2.86 23.32
N GLU B 82 -0.52 -3.61 24.29
CA GLU B 82 -0.06 -3.02 25.55
C GLU B 82 1.05 -2.00 25.26
N LYS B 83 1.96 -2.35 24.35
CA LYS B 83 3.04 -1.42 23.95
C LYS B 83 2.51 -0.15 23.31
N ALA B 84 1.44 -0.29 22.55
CA ALA B 84 0.77 0.85 21.95
C ALA B 84 -0.04 1.61 23.02
N CYS B 85 0.07 1.14 24.26
CA CYS B 85 -0.55 1.76 25.45
C CYS B 85 -2.06 1.63 25.59
N TYR B 86 -2.59 0.46 25.25
CA TYR B 86 -3.93 0.10 25.70
C TYR B 86 -3.78 -1.06 26.68
N SER B 87 -4.42 -0.97 27.84
CA SER B 87 -4.40 -2.08 28.80
C SER B 87 -5.20 -3.23 28.26
N VAL B 88 -4.62 -4.43 28.33
CA VAL B 88 -5.29 -5.65 27.87
C VAL B 88 -5.67 -6.57 29.04
N VAL B 89 -6.94 -6.85 29.21
CA VAL B 89 -7.35 -7.69 30.31
C VAL B 89 -7.71 -9.09 29.83
N THR B 90 -7.42 -10.07 30.70
CA THR B 90 -7.70 -11.46 30.43
C THR B 90 -9.11 -11.81 30.89
N ALA B 91 -9.89 -12.38 29.98
CA ALA B 91 -11.28 -12.74 30.31
C ALA B 91 -11.32 -13.95 31.24
N ASP B 92 -12.29 -13.98 32.15
CA ASP B 92 -12.49 -15.15 32.98
C ASP B 92 -13.23 -16.25 32.20
N ALA B 93 -13.50 -17.38 32.87
CA ALA B 93 -14.09 -18.51 32.18
C ALA B 93 -15.48 -18.19 31.65
N GLU B 94 -16.25 -17.43 32.43
CA GLU B 94 -17.61 -17.05 32.05
C GLU B 94 -17.65 -16.22 30.80
N LEU B 95 -16.78 -15.21 30.70
CA LEU B 95 -16.72 -14.36 29.52
C LEU B 95 -16.28 -15.15 28.29
N ALA B 96 -15.21 -15.93 28.42
CA ALA B 96 -14.74 -16.75 27.30
C ALA B 96 -15.85 -17.67 26.80
N ALA B 97 -16.50 -18.40 27.71
CA ALA B 97 -17.60 -19.28 27.31
C ALA B 97 -18.73 -18.47 26.68
N ASP B 98 -19.07 -17.31 27.26
CA ASP B 98 -20.14 -16.47 26.70
C ASP B 98 -19.86 -16.13 25.22
N ARG B 99 -18.59 -15.90 24.89
CA ARG B 99 -18.21 -15.56 23.52
C ARG B 99 -18.08 -16.80 22.62
N ALA B 100 -18.29 -17.99 23.21
CA ALA B 100 -17.99 -19.28 22.55
C ALA B 100 -16.54 -19.35 22.06
N ALA B 101 -15.64 -18.88 22.91
CA ALA B 101 -14.23 -18.81 22.59
C ALA B 101 -13.42 -19.61 23.63
N ALA B 102 -12.25 -20.10 23.24
CA ALA B 102 -11.38 -20.81 24.19
C ALA B 102 -10.66 -19.82 25.11
N GLN B 103 -10.31 -18.67 24.55
CA GLN B 103 -9.65 -17.59 25.31
C GLN B 103 -9.96 -16.25 24.71
N VAL B 104 -10.03 -15.24 25.56
CA VAL B 104 -10.37 -13.88 25.12
C VAL B 104 -9.51 -12.90 25.90
N ARG B 105 -8.84 -11.99 25.18
CA ARG B 105 -8.19 -10.84 25.80
C ARG B 105 -8.89 -9.58 25.29
N GLN B 106 -9.21 -8.68 26.20
CA GLN B 106 -10.05 -7.53 25.88
C GLN B 106 -9.32 -6.20 26.08
N PHE B 107 -9.53 -5.25 25.17
CA PHE B 107 -9.08 -3.85 25.36
C PHE B 107 -10.06 -2.86 24.74
N ALA B 108 -9.94 -1.59 25.15
CA ALA B 108 -10.78 -0.52 24.63
C ALA B 108 -9.89 0.54 23.99
N ASP B 109 -10.33 1.13 22.89
CA ASP B 109 -9.48 2.07 22.18
C ASP B 109 -9.95 3.52 22.45
N ASN B 110 -9.24 4.48 21.87
CA ASN B 110 -9.56 5.89 22.06
C ASN B 110 -10.81 6.35 21.35
N ASP B 111 -11.27 5.54 20.40
CA ASP B 111 -12.45 5.85 19.61
C ASP B 111 -13.72 5.29 20.22
N GLY B 112 -13.61 4.71 21.42
CA GLY B 112 -14.77 4.14 22.10
C GLY B 112 -15.11 2.68 21.80
N PHE B 113 -14.35 2.03 20.92
CA PHE B 113 -14.64 0.62 20.59
C PHE B 113 -13.97 -0.35 21.54
N THR B 114 -14.67 -1.42 21.87
CA THR B 114 -14.11 -2.50 22.67
C THR B 114 -13.66 -3.64 21.77
N HIS B 115 -12.40 -4.06 21.90
CA HIS B 115 -11.84 -5.10 21.02
C HIS B 115 -11.59 -6.34 21.85
N GLU B 116 -11.78 -7.50 21.26
CA GLU B 116 -11.50 -8.76 21.91
C GLU B 116 -10.68 -9.65 20.98
N LEU B 117 -9.46 -9.94 21.40
CA LEU B 117 -8.59 -10.87 20.71
C LEU B 117 -8.93 -12.24 21.28
N TYR B 118 -9.25 -13.19 20.42
CA TYR B 118 -9.77 -14.47 20.91
C TYR B 118 -9.27 -15.67 20.13
N VAL B 119 -9.18 -16.80 20.80
CA VAL B 119 -8.92 -18.09 20.16
C VAL B 119 -10.25 -18.81 20.07
N GLU B 120 -10.54 -19.33 18.89
CA GLU B 120 -11.80 -19.98 18.54
C GLU B 120 -12.02 -21.34 19.26
N SER B 121 -13.27 -21.60 19.66
CA SER B 121 -13.70 -22.92 20.11
C SER B 121 -14.19 -23.69 18.89
N SER B 122 -13.92 -24.99 18.82
CA SER B 122 -14.36 -25.76 17.66
C SER B 122 -15.88 -25.77 17.60
N PHE B 123 -16.43 -25.87 16.40
CA PHE B 123 -17.87 -25.96 16.18
C PHE B 123 -18.13 -26.81 14.94
N PRO B 124 -19.33 -27.41 14.85
CA PRO B 124 -19.59 -28.31 13.73
C PRO B 124 -19.93 -27.56 12.46
N THR B 125 -19.75 -28.25 11.34
CA THR B 125 -20.13 -27.73 10.03
C THR B 125 -21.65 -27.54 9.96
N ASP B 126 -22.09 -26.56 9.19
CA ASP B 126 -23.52 -26.39 8.92
C ASP B 126 -23.67 -26.18 7.41
N PRO B 127 -23.77 -27.30 6.67
CA PRO B 127 -23.74 -27.27 5.20
C PRO B 127 -24.77 -26.35 4.54
N VAL B 128 -26.03 -26.39 4.97
CA VAL B 128 -27.03 -25.54 4.33
C VAL B 128 -26.66 -24.08 4.52
N LEU B 129 -26.38 -23.71 5.76
CA LEU B 129 -26.10 -22.33 6.06
C LEU B 129 -24.80 -21.89 5.39
N GLU B 130 -23.81 -22.77 5.37
CA GLU B 130 -22.53 -22.44 4.75
C GLU B 130 -22.63 -22.27 3.23
N SER B 131 -23.64 -22.87 2.61
CA SER B 131 -23.83 -22.69 1.18
C SER B 131 -24.40 -21.31 0.89
N LEU B 132 -24.71 -20.53 1.92
CA LEU B 132 -25.41 -19.26 1.72
C LEU B 132 -24.57 -17.99 1.89
N PHE B 133 -23.50 -18.09 2.69
CA PHE B 133 -22.71 -16.91 3.09
C PHE B 133 -21.23 -17.19 2.99
N VAL B 134 -20.48 -16.20 2.50
CA VAL B 134 -19.03 -16.25 2.60
C VAL B 134 -18.68 -15.83 4.04
N CYS B 135 -18.22 -16.78 4.85
CA CYS B 135 -17.96 -16.52 6.28
C CYS B 135 -16.93 -17.49 6.81
N GLY B 136 -15.93 -16.99 7.53
CA GLY B 136 -14.92 -17.85 8.16
C GLY B 136 -14.01 -18.53 7.16
N GLU B 137 -13.82 -19.83 7.33
CA GLU B 137 -12.92 -20.58 6.45
C GLU B 137 -13.67 -21.12 5.23
N GLU B 138 -13.18 -20.74 4.05
CA GLU B 138 -13.75 -21.17 2.76
C GLU B 138 -12.70 -21.96 1.95
N ALA B 139 -13.13 -22.56 0.85
CA ALA B 139 -12.23 -23.27 -0.06
C ALA B 139 -11.13 -22.35 -0.57
N ASN B 140 -11.45 -21.08 -0.77
CA ASN B 140 -10.50 -20.12 -1.33
C ASN B 140 -9.85 -19.21 -0.29
N GLY B 141 -9.93 -19.58 0.99
CA GLY B 141 -9.24 -18.81 2.01
C GLY B 141 -10.00 -18.57 3.28
N ILE B 142 -9.54 -17.57 4.05
CA ILE B 142 -10.15 -17.20 5.32
C ILE B 142 -10.75 -15.81 5.17
N PHE B 143 -11.98 -15.64 5.64
CA PHE B 143 -12.72 -14.42 5.32
C PHE B 143 -13.32 -13.69 6.52
N GLY B 144 -13.48 -14.37 7.65
CA GLY B 144 -14.24 -13.79 8.77
C GLY B 144 -15.67 -13.54 8.32
N LEU B 145 -16.44 -12.79 9.11
CA LEU B 145 -17.89 -12.67 8.84
C LEU B 145 -18.31 -11.63 7.79
N GLY B 146 -17.42 -10.68 7.50
CA GLY B 146 -17.78 -9.53 6.67
C GLY B 146 -16.89 -8.36 7.00
N HIS B 147 -17.38 -7.14 6.76
CA HIS B 147 -16.59 -5.97 7.11
C HIS B 147 -17.36 -4.96 7.89
N LEU B 148 -16.61 -4.20 8.68
CA LEU B 148 -17.14 -3.13 9.48
C LEU B 148 -16.48 -1.84 9.03
N VAL B 149 -17.28 -0.83 8.72
CA VAL B 149 -16.70 0.46 8.39
C VAL B 149 -17.00 1.45 9.54
N VAL B 150 -15.93 2.06 10.07
CA VAL B 150 -16.05 2.95 11.22
C VAL B 150 -15.55 4.39 10.97
N ILE B 151 -16.15 5.32 11.71
CA ILE B 151 -15.76 6.72 11.74
C ILE B 151 -14.90 6.99 12.97
N VAL B 152 -13.72 7.58 12.76
CA VAL B 152 -12.79 7.88 13.85
C VAL B 152 -12.27 9.33 13.84
N ALA B 153 -11.82 9.82 14.99
CA ALA B 153 -11.31 11.18 15.11
C ALA B 153 -10.04 11.38 14.30
N ASP B 154 -9.10 10.45 14.45
CA ASP B 154 -7.79 10.56 13.83
C ASP B 154 -7.56 9.31 12.98
N ARG B 155 -7.88 9.42 11.70
CA ARG B 155 -7.83 8.26 10.80
C ARG B 155 -6.43 7.63 10.72
N ALA B 156 -5.40 8.47 10.63
CA ALA B 156 -4.03 7.99 10.43
C ALA B 156 -3.49 7.21 11.62
N LYS B 157 -3.79 7.67 12.83
CA LYS B 157 -3.34 6.96 14.02
C LYS B 157 -4.03 5.61 14.13
N THR B 158 -5.35 5.62 13.95
CA THR B 158 -6.13 4.39 13.99
C THR B 158 -5.67 3.45 12.89
N GLN B 159 -5.45 3.99 11.69
CA GLN B 159 -4.91 3.17 10.61
C GLN B 159 -3.59 2.55 11.00
N SER B 160 -2.71 3.34 11.60
CA SER B 160 -1.42 2.78 11.96
C SER B 160 -1.52 1.77 13.15
N PHE B 161 -2.53 1.93 13.99
CA PHE B 161 -2.80 0.89 15.01
C PHE B 161 -3.22 -0.43 14.35
N PHE B 162 -4.21 -0.38 13.45
CA PHE B 162 -4.66 -1.57 12.73
C PHE B 162 -3.53 -2.20 11.95
N THR B 163 -2.72 -1.36 11.31
CA THR B 163 -1.64 -1.83 10.47
C THR B 163 -0.43 -2.34 11.26
N ASP B 164 0.10 -1.50 12.15
CA ASP B 164 1.37 -1.85 12.81
C ASP B 164 1.22 -2.72 14.06
N VAL B 165 0.03 -2.71 14.67
CA VAL B 165 -0.19 -3.47 15.90
C VAL B 165 -1.00 -4.72 15.61
N LEU B 166 -2.09 -4.57 14.87
CA LEU B 166 -3.00 -5.69 14.62
C LEU B 166 -2.63 -6.47 13.37
N GLY B 167 -1.83 -5.85 12.50
CA GLY B 167 -1.22 -6.57 11.39
C GLY B 167 -2.01 -6.52 10.11
N PHE B 168 -2.93 -5.57 9.98
CA PHE B 168 -3.71 -5.42 8.77
C PHE B 168 -2.86 -4.80 7.66
N GLY B 169 -3.27 -4.99 6.41
CA GLY B 169 -2.60 -4.37 5.26
C GLY B 169 -3.59 -3.48 4.55
N LEU B 170 -3.10 -2.44 3.90
CA LEU B 170 -3.94 -1.52 3.16
C LEU B 170 -4.34 -2.14 1.83
N SER B 171 -5.63 -2.12 1.52
CA SER B 171 -6.10 -2.67 0.25
C SER B 171 -6.07 -1.57 -0.78
N ASP B 172 -6.73 -0.46 -0.46
CA ASP B 172 -6.81 0.66 -1.36
C ASP B 172 -7.43 1.83 -0.63
N ARG B 173 -7.43 2.97 -1.32
CA ARG B 173 -8.01 4.18 -0.80
C ARG B 173 -8.98 4.71 -1.84
N VAL B 174 -10.18 5.11 -1.39
CA VAL B 174 -11.17 5.69 -2.30
C VAL B 174 -11.44 7.12 -1.84
N THR B 175 -11.22 8.07 -2.76
CA THR B 175 -11.28 9.48 -2.41
C THR B 175 -12.10 10.25 -3.44
N TRP B 176 -13.09 10.99 -2.95
CA TRP B 176 -13.85 11.91 -3.77
C TRP B 176 -14.28 13.11 -2.90
N PRO B 177 -14.96 14.10 -3.48
CA PRO B 177 -15.25 15.34 -2.75
C PRO B 177 -15.90 15.14 -1.37
N GLU B 178 -16.71 14.10 -1.21
CA GLU B 178 -17.42 13.91 0.05
C GLU B 178 -16.74 12.99 1.06
N ALA B 179 -15.81 12.15 0.61
CA ALA B 179 -15.14 11.22 1.52
C ALA B 179 -13.75 10.77 1.10
N ASP B 180 -12.98 10.33 2.09
CA ASP B 180 -11.66 9.75 1.87
C ASP B 180 -11.53 8.51 2.75
N ILE B 181 -11.77 7.34 2.15
CA ILE B 181 -11.91 6.10 2.90
C ILE B 181 -10.76 5.13 2.67
N PHE B 182 -10.30 4.51 3.75
CA PHE B 182 -9.15 3.60 3.73
C PHE B 182 -9.56 2.18 4.11
N PHE B 183 -9.35 1.26 3.17
CA PHE B 183 -9.84 -0.11 3.26
C PHE B 183 -8.71 -1.05 3.63
N LEU B 184 -8.91 -1.82 4.69
CA LEU B 184 -7.86 -2.66 5.28
C LEU B 184 -8.27 -4.12 5.37
N HIS B 185 -7.32 -4.99 5.05
CA HIS B 185 -7.57 -6.42 5.05
C HIS B 185 -6.67 -7.12 6.04
N CYS B 186 -7.08 -8.31 6.46
CA CYS B 186 -6.22 -9.14 7.29
C CYS B 186 -6.21 -10.61 6.82
N ASN B 187 -6.91 -10.87 5.73
CA ASN B 187 -7.01 -12.22 5.13
C ASN B 187 -7.48 -12.03 3.68
N GLN B 188 -8.18 -13.02 3.14
CA GLN B 188 -8.67 -13.01 1.75
C GLN B 188 -9.77 -11.99 1.46
N ARG B 189 -10.55 -11.62 2.47
CA ARG B 189 -11.62 -10.65 2.24
C ARG B 189 -11.05 -9.26 1.85
N HIS B 190 -11.52 -8.66 0.76
CA HIS B 190 -10.94 -7.42 0.26
C HIS B 190 -10.71 -6.41 1.39
N HIS B 191 -11.72 -6.23 2.23
CA HIS B 191 -11.49 -5.53 3.49
C HIS B 191 -12.36 -6.08 4.61
N THR B 192 -11.81 -6.03 5.81
CA THR B 192 -12.51 -6.45 7.02
C THR B 192 -12.88 -5.20 7.83
N VAL B 193 -12.05 -4.17 7.70
CA VAL B 193 -12.33 -2.87 8.29
C VAL B 193 -12.06 -1.80 7.24
N ALA B 194 -12.89 -0.76 7.25
CA ALA B 194 -12.54 0.47 6.54
C ALA B 194 -12.64 1.65 7.50
N LEU B 195 -11.79 2.65 7.30
CA LEU B 195 -11.66 3.80 8.19
C LEU B 195 -11.95 5.11 7.49
N SER B 196 -12.71 5.95 8.15
CA SER B 196 -12.95 7.31 7.71
C SER B 196 -12.87 8.32 8.86
N ALA B 197 -12.35 9.51 8.58
CA ALA B 197 -12.47 10.68 9.44
C ALA B 197 -13.93 11.15 9.44
N PRO B 198 -14.32 12.04 10.39
CA PRO B 198 -15.70 12.53 10.40
C PRO B 198 -16.12 13.13 9.08
N ALA B 199 -17.40 12.97 8.75
CA ALA B 199 -17.97 13.49 7.51
C ALA B 199 -19.35 14.07 7.77
N LEU B 200 -19.95 14.64 6.72
CA LEU B 200 -21.35 15.03 6.80
C LEU B 200 -22.16 13.83 7.25
N GLY B 201 -22.72 13.97 8.46
CA GLY B 201 -23.52 12.93 9.07
C GLY B 201 -22.85 12.34 10.27
N LEU B 202 -21.61 11.88 10.12
CA LEU B 202 -21.03 10.92 11.07
C LEU B 202 -19.91 11.46 11.95
N LYS B 203 -19.90 11.00 13.19
CA LYS B 203 -18.98 11.48 14.21
C LYS B 203 -18.04 10.36 14.64
N PRO B 204 -16.88 10.70 15.25
CA PRO B 204 -15.97 9.66 15.71
C PRO B 204 -16.70 8.59 16.53
N GLY B 205 -16.28 7.33 16.37
CA GLY B 205 -16.84 6.21 17.13
C GLY B 205 -18.17 5.66 16.63
N MET B 206 -18.68 6.22 15.54
CA MET B 206 -19.89 5.72 14.86
C MET B 206 -19.56 4.61 13.88
N VAL B 207 -20.49 3.67 13.75
CA VAL B 207 -20.41 2.66 12.71
C VAL B 207 -21.07 3.26 11.49
N HIS B 208 -20.33 3.31 10.39
CA HIS B 208 -20.91 3.69 9.11
C HIS B 208 -21.76 2.56 8.56
N HIS B 209 -21.15 1.40 8.35
CA HIS B 209 -21.92 0.21 8.01
C HIS B 209 -21.23 -1.08 8.33
N LEU B 210 -22.04 -2.13 8.26
CA LEU B 210 -21.64 -3.51 8.40
C LEU B 210 -21.97 -4.18 7.08
N MET B 211 -21.14 -5.14 6.64
CA MET B 211 -21.45 -5.87 5.42
C MET B 211 -21.42 -7.38 5.63
N LEU B 212 -22.43 -8.07 5.11
CA LEU B 212 -22.41 -9.53 5.00
C LEU B 212 -22.38 -9.97 3.52
N GLU B 213 -21.83 -11.14 3.26
CA GLU B 213 -21.63 -11.57 1.88
C GLU B 213 -22.35 -12.87 1.56
N ALA B 214 -23.32 -12.79 0.66
CA ALA B 214 -24.04 -13.98 0.19
C ALA B 214 -23.19 -14.75 -0.84
N LYS B 215 -23.53 -16.01 -1.10
CA LYS B 215 -22.81 -16.79 -2.08
C LYS B 215 -23.43 -16.79 -3.48
N SER B 216 -24.44 -15.96 -3.70
CA SER B 216 -25.06 -15.87 -5.02
C SER B 216 -25.61 -14.48 -5.26
N LYS B 217 -25.57 -14.05 -6.51
CA LYS B 217 -26.13 -12.77 -6.89
C LYS B 217 -27.64 -12.71 -6.61
N GLU B 218 -28.30 -13.84 -6.82
CA GLU B 218 -29.76 -13.96 -6.64
C GLU B 218 -30.17 -13.69 -5.19
N GLN B 219 -29.38 -14.17 -4.23
CA GLN B 219 -29.60 -13.83 -2.82
C GLN B 219 -29.68 -12.32 -2.60
N VAL B 220 -28.77 -11.58 -3.24
CA VAL B 220 -28.74 -10.12 -3.11
C VAL B 220 -30.01 -9.51 -3.71
N ASP B 221 -30.34 -9.92 -4.94
CA ASP B 221 -31.57 -9.45 -5.60
C ASP B 221 -32.84 -9.77 -4.80
N ARG B 222 -32.92 -10.96 -4.23
CA ARG B 222 -34.07 -11.32 -3.39
C ARG B 222 -34.16 -10.45 -2.13
N ALA B 223 -33.02 -10.29 -1.45
CA ALA B 223 -32.98 -9.48 -0.24
C ALA B 223 -33.45 -8.07 -0.56
N PHE B 224 -32.91 -7.51 -1.64
CA PHE B 224 -33.30 -6.16 -2.11
C PHE B 224 -34.79 -6.03 -2.37
N ALA B 225 -35.36 -7.02 -3.05
CA ALA B 225 -36.80 -7.07 -3.25
C ALA B 225 -37.51 -7.09 -1.90
N ALA B 226 -37.00 -7.91 -0.97
CA ALA B 226 -37.62 -8.01 0.37
C ALA B 226 -37.69 -6.69 1.13
N VAL B 227 -36.62 -5.88 1.08
CA VAL B 227 -36.63 -4.55 1.69
C VAL B 227 -37.84 -3.75 1.16
N LYS B 228 -38.01 -3.73 -0.15
CA LYS B 228 -39.14 -3.01 -0.78
C LYS B 228 -40.48 -3.65 -0.46
N ARG B 229 -40.59 -4.95 -0.69
CA ARG B 229 -41.83 -5.68 -0.43
C ARG B 229 -42.33 -5.57 1.02
N LEU B 230 -41.41 -5.52 1.98
CA LEU B 230 -41.74 -5.42 3.39
C LEU B 230 -41.96 -3.97 3.77
N GLY B 231 -41.96 -3.12 2.74
CA GLY B 231 -42.33 -1.71 2.90
C GLY B 231 -41.25 -0.80 3.46
N TYR B 232 -40.02 -1.31 3.53
CA TYR B 232 -38.91 -0.49 4.03
C TYR B 232 -38.26 0.38 2.95
N ASP B 233 -37.27 1.16 3.36
CA ASP B 233 -36.59 2.07 2.45
C ASP B 233 -35.17 1.59 2.15
N VAL B 234 -34.70 1.92 0.96
CA VAL B 234 -33.38 1.56 0.49
C VAL B 234 -32.46 2.73 0.75
N LEU B 235 -31.30 2.50 1.36
CA LEU B 235 -30.32 3.57 1.51
C LEU B 235 -29.58 3.82 0.19
N MET B 236 -29.04 2.73 -0.37
CA MET B 236 -28.41 2.75 -1.68
C MET B 236 -28.85 1.55 -2.50
N THR B 237 -29.28 1.84 -3.73
CA THR B 237 -29.80 0.83 -4.64
C THR B 237 -28.68 -0.12 -5.03
N ILE B 238 -29.03 -1.25 -5.62
CA ILE B 238 -28.05 -2.21 -6.13
C ILE B 238 -26.98 -1.50 -6.98
N GLY B 239 -25.74 -1.93 -6.81
CA GLY B 239 -24.62 -1.35 -7.52
C GLY B 239 -23.39 -2.22 -7.39
N GLN B 240 -22.26 -1.71 -7.85
CA GLN B 240 -21.00 -2.42 -7.76
C GLN B 240 -19.91 -1.44 -7.38
N HIS B 241 -19.16 -1.78 -6.34
CA HIS B 241 -18.09 -0.92 -5.84
C HIS B 241 -16.85 -1.02 -6.70
N SER B 242 -16.14 0.09 -6.83
CA SER B 242 -14.98 0.14 -7.70
C SER B 242 -13.82 -0.69 -7.15
N ASN B 243 -13.63 -0.63 -5.82
CA ASN B 243 -12.48 -1.28 -5.22
C ASN B 243 -12.69 -2.77 -4.94
N ASP B 244 -13.68 -3.10 -4.11
CA ASP B 244 -13.93 -4.52 -3.80
C ASP B 244 -14.75 -5.27 -4.84
N LYS B 245 -15.38 -4.53 -5.77
CA LYS B 245 -16.10 -5.16 -6.90
C LYS B 245 -17.39 -5.84 -6.46
N VAL B 246 -17.75 -5.65 -5.19
CA VAL B 246 -18.94 -6.26 -4.62
C VAL B 246 -20.21 -5.76 -5.32
N TYR B 247 -21.09 -6.69 -5.62
CA TYR B 247 -22.44 -6.38 -6.09
C TYR B 247 -23.31 -6.33 -4.84
N SER B 248 -23.87 -5.17 -4.52
CA SER B 248 -24.52 -5.01 -3.22
C SER B 248 -25.55 -3.91 -3.20
N PHE B 249 -26.38 -3.92 -2.16
CA PHE B 249 -27.23 -2.78 -1.82
C PHE B 249 -27.05 -2.45 -0.33
N TYR B 250 -27.48 -1.26 0.06
CA TYR B 250 -27.43 -0.83 1.46
C TYR B 250 -28.83 -0.49 1.96
N MET B 251 -29.09 -0.82 3.22
CA MET B 251 -30.30 -0.40 3.90
C MET B 251 -29.91 0.26 5.22
N MET B 252 -30.71 1.21 5.67
CA MET B 252 -30.49 1.82 6.97
C MET B 252 -31.21 0.95 8.01
N ALA B 253 -30.44 0.41 8.95
CA ALA B 253 -31.00 -0.44 10.01
C ALA B 253 -31.48 0.41 11.16
N PRO B 254 -32.50 -0.07 11.90
CA PRO B 254 -33.01 0.69 13.04
C PRO B 254 -32.01 0.90 14.19
N ALA B 255 -30.93 0.14 14.22
CA ALA B 255 -29.92 0.35 15.27
C ALA B 255 -29.04 1.56 14.97
N GLY B 256 -29.28 2.21 13.84
CA GLY B 256 -28.65 3.51 13.56
C GLY B 256 -27.45 3.50 12.65
N PHE B 257 -27.24 2.40 11.92
CA PHE B 257 -26.16 2.30 10.94
C PHE B 257 -26.66 1.49 9.75
N ALA B 258 -25.95 1.58 8.62
CA ALA B 258 -26.36 0.85 7.42
C ALA B 258 -25.92 -0.60 7.46
N VAL B 259 -26.70 -1.45 6.79
CA VAL B 259 -26.34 -2.83 6.60
C VAL B 259 -26.28 -3.06 5.09
N GLU B 260 -25.17 -3.66 4.66
CA GLU B 260 -24.93 -3.98 3.25
C GLU B 260 -24.95 -5.49 3.05
N LEU B 261 -25.65 -5.95 2.02
CA LEU B 261 -25.57 -7.36 1.64
C LEU B 261 -25.00 -7.42 0.24
N GLY B 262 -23.89 -8.12 0.09
CA GLY B 262 -23.19 -8.12 -1.20
C GLY B 262 -22.82 -9.49 -1.73
N PHE B 263 -22.35 -9.52 -2.95
CA PHE B 263 -21.90 -10.75 -3.56
C PHE B 263 -20.68 -10.50 -4.46
N GLY B 264 -19.77 -11.47 -4.49
CA GLY B 264 -18.67 -11.46 -5.44
C GLY B 264 -17.54 -10.50 -5.09
N GLY B 265 -17.23 -10.40 -3.80
CA GLY B 265 -16.10 -9.55 -3.40
C GLY B 265 -14.76 -10.01 -3.98
N GLN B 266 -13.92 -9.05 -4.37
CA GLN B 266 -12.55 -9.34 -4.76
C GLN B 266 -11.81 -10.06 -3.63
N VAL B 267 -11.12 -11.14 -3.98
CA VAL B 267 -10.32 -11.91 -3.03
C VAL B 267 -8.87 -11.40 -3.04
N ILE B 268 -8.28 -11.25 -1.87
CA ILE B 268 -6.85 -10.96 -1.76
C ILE B 268 -6.13 -12.30 -1.69
N GLY B 269 -5.72 -12.80 -2.84
CA GLY B 269 -5.11 -14.12 -2.94
C GLY B 269 -3.77 -14.26 -2.23
N ASP B 270 -2.95 -13.23 -2.32
CA ASP B 270 -1.64 -13.29 -1.71
C ASP B 270 -1.38 -11.96 -1.06
N LEU B 271 -1.47 -11.92 0.27
CA LEU B 271 -1.39 -10.64 0.98
C LEU B 271 -0.05 -9.95 0.76
N GLU B 272 1.02 -10.74 0.67
CA GLU B 272 2.37 -10.19 0.54
C GLU B 272 2.57 -9.37 -0.71
N SER B 273 1.94 -9.77 -1.81
CA SER B 273 2.16 -9.11 -3.08
C SER B 273 1.01 -8.19 -3.50
N TRP B 274 0.01 -7.99 -2.63
CA TRP B 274 -1.12 -7.12 -2.95
C TRP B 274 -0.67 -5.68 -3.19
N HIS B 275 -1.14 -5.09 -4.29
CA HIS B 275 -0.81 -3.72 -4.66
C HIS B 275 -1.87 -2.75 -4.14
N VAL B 276 -1.45 -1.77 -3.35
CA VAL B 276 -2.37 -0.76 -2.82
C VAL B 276 -2.99 0.00 -4.00
N GLY B 277 -4.32 -0.01 -4.07
CA GLY B 277 -5.02 0.68 -5.14
C GLY B 277 -5.51 2.06 -4.75
N PHE B 278 -5.86 2.86 -5.75
CA PHE B 278 -6.41 4.18 -5.54
C PHE B 278 -7.55 4.40 -6.52
N TYR B 279 -8.64 4.97 -6.04
CA TYR B 279 -9.85 5.17 -6.87
C TYR B 279 -10.47 6.54 -6.57
N ASP B 280 -11.05 7.17 -7.59
CA ASP B 280 -11.66 8.50 -7.42
C ASP B 280 -13.17 8.47 -7.28
N ALA B 281 -13.75 7.27 -7.34
CA ALA B 281 -15.19 7.11 -7.16
C ALA B 281 -15.48 5.76 -6.50
N PRO B 282 -16.44 5.71 -5.57
CA PRO B 282 -16.69 4.48 -4.82
C PRO B 282 -17.39 3.38 -5.60
N SER B 283 -18.10 3.75 -6.68
CA SER B 283 -18.87 2.76 -7.43
C SER B 283 -18.71 2.82 -8.95
N ILE B 284 -18.76 1.65 -9.58
CA ILE B 284 -18.70 1.51 -11.04
C ILE B 284 -20.05 1.91 -11.63
N TRP B 285 -21.13 1.37 -11.06
CA TRP B 285 -22.50 1.64 -11.51
C TRP B 285 -23.48 1.44 -10.35
N GLY B 286 -24.68 1.99 -10.49
CA GLY B 286 -25.75 1.81 -9.49
C GLY B 286 -25.37 2.48 -8.18
N HIS B 287 -25.78 1.87 -7.06
CA HIS B 287 -25.51 2.43 -5.73
C HIS B 287 -26.02 3.86 -5.59
N GLU B 288 -27.23 4.10 -6.10
CA GLU B 288 -27.85 5.41 -6.07
C GLU B 288 -28.37 5.70 -4.67
N LEU B 289 -27.89 6.81 -4.09
CA LEU B 289 -28.30 7.24 -2.78
C LEU B 289 -29.79 7.55 -2.81
N GLN B 290 -30.54 6.92 -1.89
CA GLN B 290 -32.01 6.90 -1.89
C GLN B 290 -32.58 6.23 -3.15
N SER C 2 8.96 21.02 -2.53
CA SER C 2 9.96 19.91 -2.46
C SER C 2 10.39 19.45 -3.85
N VAL C 3 11.43 18.63 -3.90
CA VAL C 3 11.91 18.08 -5.17
C VAL C 3 10.75 17.36 -5.88
N LYS C 4 10.69 17.51 -7.19
CA LYS C 4 9.60 16.93 -7.98
C LYS C 4 9.89 15.47 -8.37
N GLN C 5 11.12 15.24 -8.84
CA GLN C 5 11.51 13.91 -9.31
C GLN C 5 13.00 13.84 -9.62
N LEU C 6 13.53 12.62 -9.69
CA LEU C 6 14.87 12.45 -10.23
C LEU C 6 14.77 12.57 -11.74
N GLY C 7 15.32 13.66 -12.27
CA GLY C 7 15.24 13.93 -13.70
C GLY C 7 16.41 13.40 -14.52
N TYR C 8 17.62 13.46 -13.97
CA TYR C 8 18.76 12.91 -14.70
C TYR C 8 19.92 12.49 -13.80
N LEU C 9 20.78 11.64 -14.35
CA LEU C 9 22.03 11.22 -13.71
C LEU C 9 23.18 11.39 -14.71
N ILE C 10 24.29 11.94 -14.24
CA ILE C 10 25.46 12.07 -15.09
C ILE C 10 26.61 11.29 -14.49
N PHE C 11 27.13 10.34 -15.25
CA PHE C 11 28.26 9.53 -14.80
C PHE C 11 29.51 9.87 -15.61
N GLU C 12 30.66 9.79 -14.95
CA GLU C 12 31.93 9.81 -15.66
C GLU C 12 32.47 8.38 -15.72
N CYS C 13 32.90 7.97 -16.91
CA CYS C 13 33.43 6.61 -17.12
C CYS C 13 34.77 6.67 -17.85
N ARG C 14 35.69 5.77 -17.50
CA ARG C 14 36.87 5.54 -18.33
C ARG C 14 36.42 5.01 -19.69
N ALA C 15 37.29 5.16 -20.70
CA ALA C 15 36.93 4.90 -22.09
C ALA C 15 36.30 3.54 -22.35
N ASP C 16 36.91 2.48 -21.82
CA ASP C 16 36.41 1.13 -22.03
C ASP C 16 35.16 0.83 -21.23
N VAL C 17 35.11 1.35 -20.00
CA VAL C 17 33.93 1.21 -19.16
C VAL C 17 32.75 1.90 -19.84
N LEU C 18 32.98 3.08 -20.40
CA LEU C 18 31.89 3.81 -21.05
C LEU C 18 31.24 2.94 -22.15
N GLU C 19 32.07 2.33 -22.99
CA GLU C 19 31.56 1.51 -24.09
C GLU C 19 30.81 0.28 -23.59
N GLN C 20 31.30 -0.31 -22.51
CA GLN C 20 30.66 -1.45 -21.88
C GLN C 20 29.31 -1.09 -21.27
N MET C 21 29.21 0.12 -20.75
CA MET C 21 27.96 0.61 -20.17
C MET C 21 26.89 0.77 -21.24
N VAL C 22 27.31 1.22 -22.42
CA VAL C 22 26.41 1.33 -23.57
C VAL C 22 25.71 -0.01 -23.79
N VAL C 23 26.48 -1.08 -23.70
CA VAL C 23 25.94 -2.43 -23.84
C VAL C 23 24.80 -2.64 -22.84
N VAL C 24 25.09 -2.38 -21.56
CA VAL C 24 24.10 -2.54 -20.51
C VAL C 24 22.78 -1.85 -20.87
N TYR C 25 22.85 -0.57 -21.24
CA TYR C 25 21.65 0.24 -21.41
C TYR C 25 20.93 0.00 -22.73
N GLN C 26 21.70 -0.24 -23.79
CA GLN C 26 21.12 -0.43 -25.09
C GLN C 26 20.74 -1.90 -25.30
N ASP C 27 21.68 -2.80 -25.04
CA ASP C 27 21.53 -4.20 -25.45
C ASP C 27 20.92 -5.10 -24.37
N ILE C 28 20.87 -4.62 -23.13
CA ILE C 28 20.23 -5.37 -22.07
C ILE C 28 18.93 -4.67 -21.62
N ILE C 29 19.04 -3.42 -21.18
CA ILE C 29 17.88 -2.69 -20.70
C ILE C 29 16.90 -2.36 -21.84
N GLY C 30 17.43 -2.13 -23.04
CA GLY C 30 16.59 -1.82 -24.19
C GLY C 30 16.26 -0.34 -24.29
N ALA C 31 17.08 0.49 -23.63
CA ALA C 31 16.92 1.92 -23.72
C ALA C 31 17.52 2.44 -25.03
N VAL C 32 17.11 3.64 -25.44
CA VAL C 32 17.72 4.28 -26.62
C VAL C 32 19.00 4.98 -26.18
N VAL C 33 20.10 4.70 -26.86
CA VAL C 33 21.39 5.24 -26.48
C VAL C 33 22.01 5.97 -27.66
N GLU C 34 22.07 7.30 -27.56
CA GLU C 34 22.58 8.13 -28.64
C GLU C 34 23.98 8.60 -28.31
N ARG C 35 24.79 8.80 -29.34
CA ARG C 35 26.18 9.21 -29.15
C ARG C 35 26.35 10.60 -29.75
N ASP C 36 27.16 11.44 -29.10
CA ASP C 36 27.39 12.77 -29.65
C ASP C 36 28.82 12.99 -30.13
N GLU C 37 29.12 14.23 -30.47
CA GLU C 37 30.40 14.59 -31.08
C GLU C 37 31.60 14.25 -30.18
N GLY C 38 31.38 14.28 -28.88
CA GLY C 38 32.45 14.04 -27.92
C GLY C 38 32.53 12.63 -27.38
N GLY C 39 31.72 11.74 -27.93
CA GLY C 39 31.73 10.34 -27.53
C GLY C 39 30.88 10.06 -26.30
N ARG C 40 30.11 11.05 -25.87
CA ARG C 40 29.24 10.87 -24.71
C ARG C 40 28.09 9.94 -25.08
N ALA C 41 27.52 9.26 -24.09
CA ALA C 41 26.39 8.36 -24.34
C ALA C 41 25.14 8.85 -23.63
N LEU C 42 24.13 9.20 -24.42
CA LEU C 42 22.90 9.77 -23.89
C LEU C 42 21.85 8.68 -23.79
N VAL C 43 21.59 8.20 -22.57
CA VAL C 43 20.63 7.12 -22.38
C VAL C 43 19.24 7.72 -22.24
N ARG C 44 18.38 7.39 -23.19
CA ARG C 44 17.03 7.96 -23.26
C ARG C 44 15.96 6.91 -22.94
N LEU C 45 15.04 7.28 -22.06
CA LEU C 45 13.92 6.40 -21.69
C LEU C 45 12.58 7.08 -22.00
N ASP C 46 12.65 8.30 -22.52
CA ASP C 46 11.47 9.01 -23.01
C ASP C 46 11.86 10.17 -23.93
N GLY C 47 11.02 11.20 -23.96
CA GLY C 47 11.26 12.34 -24.83
C GLY C 47 12.52 13.13 -24.52
N ARG C 48 12.93 13.14 -23.25
CA ARG C 48 14.08 13.95 -22.86
C ARG C 48 15.34 13.56 -23.63
N PRO C 49 16.16 14.56 -24.00
CA PRO C 49 17.46 14.36 -24.63
C PRO C 49 18.31 13.31 -23.91
N PHE C 50 18.26 13.30 -22.58
CA PHE C 50 18.91 12.24 -21.82
C PHE C 50 18.27 12.06 -20.44
N ARG C 51 18.28 10.83 -19.95
CA ARG C 51 17.90 10.54 -18.57
C ARG C 51 19.14 10.10 -17.78
N ILE C 52 19.96 9.27 -18.41
CA ILE C 52 21.30 8.98 -17.92
C ILE C 52 22.29 9.41 -19.00
N ARG C 53 23.37 10.06 -18.61
CA ARG C 53 24.41 10.43 -19.56
C ARG C 53 25.75 9.93 -19.06
N LEU C 54 26.54 9.39 -19.96
CA LEU C 54 27.87 8.92 -19.61
C LEU C 54 28.92 9.81 -20.29
N ASP C 55 29.82 10.37 -19.48
CA ASP C 55 30.83 11.30 -19.98
C ASP C 55 32.23 10.71 -19.81
N PRO C 56 33.09 10.86 -20.83
CA PRO C 56 34.43 10.35 -20.72
C PRO C 56 35.19 11.05 -19.61
N GLY C 57 35.85 10.29 -18.75
CA GLY C 57 36.65 10.87 -17.68
C GLY C 57 37.74 9.90 -17.25
N PRO C 58 38.67 10.37 -16.41
CA PRO C 58 39.81 9.57 -15.94
C PRO C 58 39.41 8.56 -14.85
N ALA C 59 38.24 8.75 -14.27
CA ALA C 59 37.76 7.85 -13.23
C ALA C 59 36.27 7.59 -13.37
N ASN C 60 35.84 6.41 -12.95
CA ASN C 60 34.42 6.11 -12.97
C ASN C 60 33.75 6.56 -11.68
N ARG C 61 32.82 7.50 -11.82
CA ARG C 61 32.09 8.01 -10.68
C ARG C 61 30.77 8.65 -11.10
N LEU C 62 29.84 8.74 -10.16
CA LEU C 62 28.61 9.51 -10.35
C LEU C 62 28.98 10.98 -10.26
N ALA C 63 28.71 11.73 -11.33
CA ALA C 63 29.18 13.11 -11.41
C ALA C 63 28.11 14.13 -11.05
N ALA C 64 26.85 13.83 -11.36
CA ALA C 64 25.79 14.76 -11.08
C ALA C 64 24.45 14.07 -10.91
N ILE C 65 23.73 14.45 -9.85
CA ILE C 65 22.36 14.00 -9.65
C ILE C 65 21.41 15.17 -9.93
N GLY C 66 20.53 14.98 -10.90
CA GLY C 66 19.64 16.04 -11.35
C GLY C 66 18.25 15.95 -10.76
N TRP C 67 18.01 16.75 -9.73
CA TRP C 67 16.72 16.83 -9.06
C TRP C 67 15.84 17.85 -9.77
N ASN C 68 14.85 17.37 -10.51
CA ASN C 68 13.87 18.24 -11.12
C ASN C 68 13.01 18.93 -10.07
N VAL C 69 12.84 20.24 -10.22
CA VAL C 69 12.00 21.01 -9.32
C VAL C 69 11.08 21.91 -10.14
N ASP C 70 9.89 22.20 -9.61
CA ASP C 70 9.01 23.17 -10.26
C ASP C 70 9.61 24.58 -10.12
N PRO C 71 9.42 25.41 -11.16
CA PRO C 71 10.00 26.74 -11.17
C PRO C 71 9.77 27.47 -9.85
N SER C 72 8.54 27.38 -9.31
CA SER C 72 8.16 28.13 -8.12
C SER C 72 8.86 27.65 -6.85
N ASP C 73 9.42 26.45 -6.89
CA ASP C 73 10.06 25.88 -5.71
C ASP C 73 11.59 26.02 -5.74
N LEU C 74 12.16 26.32 -6.90
CA LEU C 74 13.61 26.30 -7.04
C LEU C 74 14.35 27.19 -6.03
N ALA C 75 14.07 28.48 -6.05
CA ALA C 75 14.74 29.43 -5.17
C ALA C 75 14.52 29.10 -3.69
N ALA C 76 13.35 28.56 -3.37
CA ALA C 76 13.02 28.26 -1.98
C ALA C 76 13.84 27.07 -1.47
N ILE C 77 13.87 26.01 -2.28
CA ILE C 77 14.62 24.81 -1.96
C ILE C 77 16.11 25.15 -1.81
N ALA C 78 16.64 25.91 -2.77
CA ALA C 78 18.03 26.32 -2.73
C ALA C 78 18.32 27.06 -1.42
N GLU C 79 17.37 27.87 -0.97
CA GLU C 79 17.55 28.62 0.27
C GLU C 79 17.71 27.68 1.46
N GLN C 80 16.91 26.63 1.50
CA GLN C 80 16.96 25.71 2.62
C GLN C 80 18.25 24.87 2.60
N VAL C 81 18.73 24.58 1.39
CA VAL C 81 20.01 23.91 1.22
C VAL C 81 21.10 24.78 1.83
N GLU C 82 21.08 26.06 1.51
CA GLU C 82 22.05 27.00 2.04
C GLU C 82 21.97 27.07 3.56
N LYS C 83 20.75 27.06 4.09
CA LYS C 83 20.53 27.08 5.53
C LYS C 83 21.12 25.83 6.19
N ALA C 84 21.12 24.73 5.45
CA ALA C 84 21.72 23.49 5.91
C ALA C 84 23.24 23.55 5.78
N CYS C 85 23.73 24.72 5.40
CA CYS C 85 25.17 24.99 5.29
C CYS C 85 25.87 24.31 4.10
N TYR C 86 25.16 24.09 3.00
CA TYR C 86 25.81 23.77 1.73
C TYR C 86 25.70 24.97 0.79
N SER C 87 26.83 25.42 0.25
CA SER C 87 26.82 26.53 -0.70
C SER C 87 26.18 26.10 -2.02
N VAL C 88 25.25 26.91 -2.53
CA VAL C 88 24.61 26.61 -3.80
C VAL C 88 25.01 27.62 -4.88
N VAL C 89 25.58 27.11 -5.97
CA VAL C 89 26.06 27.98 -7.04
C VAL C 89 25.11 27.96 -8.23
N THR C 90 24.92 29.12 -8.85
CA THR C 90 24.02 29.25 -9.99
C THR C 90 24.78 28.89 -11.27
N ALA C 91 24.20 28.02 -12.08
CA ALA C 91 24.85 27.55 -13.28
C ALA C 91 24.82 28.62 -14.38
N ASP C 92 25.85 28.65 -15.20
CA ASP C 92 25.86 29.57 -16.32
C ASP C 92 25.05 29.01 -17.50
N ALA C 93 24.97 29.77 -18.59
CA ALA C 93 24.17 29.38 -19.74
C ALA C 93 24.63 28.06 -20.33
N GLU C 94 25.95 27.90 -20.47
CA GLU C 94 26.52 26.68 -21.05
C GLU C 94 26.17 25.44 -20.25
N LEU C 95 26.26 25.53 -18.92
CA LEU C 95 25.96 24.38 -18.08
C LEU C 95 24.47 24.03 -18.11
N ALA C 96 23.61 25.03 -18.00
CA ALA C 96 22.17 24.78 -18.06
C ALA C 96 21.82 24.09 -19.38
N ALA C 97 22.32 24.64 -20.48
CA ALA C 97 22.08 24.06 -21.80
C ALA C 97 22.64 22.65 -21.88
N ASP C 98 23.85 22.46 -21.33
CA ASP C 98 24.49 21.15 -21.30
C ASP C 98 23.55 20.11 -20.69
N ARG C 99 22.88 20.50 -19.61
CA ARG C 99 21.99 19.59 -18.89
C ARG C 99 20.61 19.44 -19.54
N ALA C 100 20.39 20.21 -20.61
CA ALA C 100 19.06 20.29 -21.24
C ALA C 100 18.05 20.86 -20.25
N ALA C 101 18.49 21.83 -19.46
CA ALA C 101 17.66 22.42 -18.44
C ALA C 101 17.53 23.93 -18.63
N ALA C 102 16.44 24.51 -18.12
CA ALA C 102 16.21 25.94 -18.22
C ALA C 102 17.06 26.68 -17.19
N GLN C 103 17.22 26.07 -16.02
CA GLN C 103 18.04 26.63 -14.97
C GLN C 103 18.55 25.52 -14.05
N VAL C 104 19.74 25.70 -13.51
CA VAL C 104 20.35 24.71 -12.64
C VAL C 104 21.08 25.42 -11.50
N ARG C 105 20.88 24.91 -10.28
CA ARG C 105 21.66 25.35 -9.13
C ARG C 105 22.35 24.10 -8.57
N GLN C 106 23.65 24.23 -8.31
CA GLN C 106 24.49 23.10 -7.97
C GLN C 106 25.00 23.21 -6.54
N PHE C 107 25.07 22.07 -5.84
CA PHE C 107 25.75 22.00 -4.55
C PHE C 107 26.38 20.62 -4.34
N ALA C 108 27.32 20.53 -3.40
CA ALA C 108 27.98 19.27 -3.09
C ALA C 108 27.73 18.91 -1.63
N ASP C 109 27.48 17.63 -1.34
CA ASP C 109 27.24 17.21 0.03
C ASP C 109 28.48 16.61 0.70
N ASN C 110 28.34 16.23 1.97
CA ASN C 110 29.47 15.71 2.71
C ASN C 110 29.84 14.28 2.34
N ASP C 111 28.97 13.64 1.56
CA ASP C 111 29.21 12.27 1.13
C ASP C 111 29.81 12.20 -0.28
N GLY C 112 30.15 13.38 -0.82
CA GLY C 112 30.86 13.46 -2.09
C GLY C 112 29.99 13.50 -3.32
N PHE C 113 28.67 13.59 -3.13
CA PHE C 113 27.76 13.64 -4.25
C PHE C 113 27.47 15.08 -4.68
N THR C 114 27.44 15.29 -6.00
CA THR C 114 27.05 16.59 -6.56
C THR C 114 25.56 16.61 -6.90
N HIS C 115 24.85 17.57 -6.33
CA HIS C 115 23.42 17.70 -6.55
C HIS C 115 23.12 18.89 -7.45
N GLU C 116 22.14 18.72 -8.33
CA GLU C 116 21.71 19.81 -9.20
C GLU C 116 20.20 19.95 -9.16
N LEU C 117 19.73 21.05 -8.57
CA LEU C 117 18.32 21.39 -8.62
C LEU C 117 18.07 22.18 -9.91
N TYR C 118 17.12 21.72 -10.71
CA TYR C 118 16.96 22.30 -12.03
C TYR C 118 15.51 22.39 -12.48
N VAL C 119 15.23 23.39 -13.31
CA VAL C 119 13.94 23.51 -13.95
C VAL C 119 14.06 22.93 -15.35
N GLU C 120 13.08 22.10 -15.71
CA GLU C 120 13.11 21.37 -16.96
C GLU C 120 12.88 22.25 -18.19
N SER C 121 13.54 21.88 -19.28
CA SER C 121 13.26 22.45 -20.58
C SER C 121 12.28 21.53 -21.30
N SER C 122 11.39 22.11 -22.11
CA SER C 122 10.40 21.33 -22.84
C SER C 122 11.06 20.34 -23.80
N PHE C 123 10.44 19.18 -23.99
CA PHE C 123 10.90 18.18 -24.94
C PHE C 123 9.71 17.48 -25.58
N PRO C 124 9.88 16.97 -26.81
CA PRO C 124 8.75 16.36 -27.49
C PRO C 124 8.41 14.99 -26.90
N THR C 125 7.19 14.53 -27.15
CA THR C 125 6.77 13.19 -26.79
C THR C 125 7.53 12.16 -27.63
N ASP C 126 7.81 11.00 -27.04
CA ASP C 126 8.39 9.87 -27.76
C ASP C 126 7.55 8.63 -27.49
N PRO C 127 6.46 8.45 -28.26
CA PRO C 127 5.45 7.43 -28.03
C PRO C 127 6.02 6.02 -27.86
N VAL C 128 6.87 5.60 -28.79
CA VAL C 128 7.43 4.25 -28.76
C VAL C 128 8.24 4.02 -27.48
N LEU C 129 9.18 4.92 -27.23
CA LEU C 129 10.05 4.78 -26.06
C LEU C 129 9.23 4.87 -24.78
N GLU C 130 8.25 5.78 -24.77
CA GLU C 130 7.40 5.98 -23.60
C GLU C 130 6.56 4.75 -23.30
N SER C 131 6.31 3.94 -24.32
CA SER C 131 5.54 2.72 -24.13
C SER C 131 6.37 1.65 -23.42
N LEU C 132 7.65 1.94 -23.19
CA LEU C 132 8.57 0.91 -22.69
C LEU C 132 9.06 1.10 -21.26
N PHE C 133 9.07 2.36 -20.80
CA PHE C 133 9.65 2.68 -19.49
C PHE C 133 8.73 3.55 -18.64
N VAL C 134 8.69 3.28 -17.34
CA VAL C 134 8.07 4.21 -16.40
C VAL C 134 9.08 5.31 -16.10
N CYS C 135 8.84 6.50 -16.65
CA CYS C 135 9.79 7.60 -16.51
C CYS C 135 9.08 8.95 -16.63
N GLY C 136 9.40 9.86 -15.72
CA GLY C 136 8.84 11.20 -15.75
C GLY C 136 7.35 11.24 -15.51
N GLU C 137 6.64 11.95 -16.38
CA GLU C 137 5.21 12.17 -16.22
C GLU C 137 4.41 11.02 -16.84
N GLU C 138 3.59 10.37 -16.02
CA GLU C 138 2.75 9.27 -16.47
C GLU C 138 1.27 9.56 -16.22
N ALA C 139 0.41 8.68 -16.71
CA ALA C 139 -1.03 8.81 -16.51
C ALA C 139 -1.37 8.75 -15.03
N ASN C 140 -0.61 7.95 -14.29
CA ASN C 140 -0.86 7.72 -12.88
C ASN C 140 0.08 8.51 -11.94
N GLY C 141 0.79 9.48 -12.50
CA GLY C 141 1.58 10.37 -11.66
C GLY C 141 2.94 10.77 -12.21
N ILE C 142 3.76 11.34 -11.32
CA ILE C 142 5.13 11.73 -11.62
C ILE C 142 6.06 10.71 -11.00
N PHE C 143 7.03 10.22 -11.78
CA PHE C 143 7.86 9.10 -11.33
C PHE C 143 9.35 9.38 -11.37
N GLY C 144 9.78 10.32 -12.21
CA GLY C 144 11.19 10.46 -12.50
C GLY C 144 11.72 9.22 -13.22
N LEU C 145 13.03 9.06 -13.25
CA LEU C 145 13.68 8.05 -14.09
C LEU C 145 13.76 6.66 -13.44
N GLY C 146 13.73 6.61 -12.12
CA GLY C 146 13.92 5.35 -11.40
C GLY C 146 14.40 5.66 -10.00
N HIS C 147 15.18 4.78 -9.40
CA HIS C 147 15.75 5.08 -8.10
C HIS C 147 17.24 4.86 -8.01
N LEU C 148 17.85 5.60 -7.10
CA LEU C 148 19.27 5.45 -6.79
C LEU C 148 19.39 5.08 -5.32
N VAL C 149 20.18 4.06 -5.02
CA VAL C 149 20.46 3.74 -3.63
C VAL C 149 21.95 3.99 -3.35
N VAL C 150 22.21 4.74 -2.28
CA VAL C 150 23.57 5.15 -1.97
C VAL C 150 24.01 4.75 -0.56
N ILE C 151 25.32 4.60 -0.40
CA ILE C 151 25.91 4.35 0.92
C ILE C 151 26.49 5.65 1.48
N VAL C 152 26.20 5.94 2.74
CA VAL C 152 26.63 7.17 3.38
C VAL C 152 27.22 6.96 4.79
N ALA C 153 28.05 7.89 5.23
CA ALA C 153 28.69 7.77 6.54
C ALA C 153 27.68 7.85 7.69
N ASP C 154 26.78 8.82 7.59
CA ASP C 154 25.80 9.08 8.65
C ASP C 154 24.40 9.06 8.03
N ARG C 155 23.75 7.91 8.08
CA ARG C 155 22.46 7.76 7.42
C ARG C 155 21.37 8.69 7.99
N ALA C 156 21.33 8.83 9.31
CA ALA C 156 20.31 9.66 9.96
C ALA C 156 20.39 11.10 9.48
N LYS C 157 21.62 11.62 9.42
CA LYS C 157 21.83 13.00 9.02
C LYS C 157 21.44 13.19 7.55
N THR C 158 21.93 12.30 6.68
CA THR C 158 21.58 12.34 5.26
C THR C 158 20.07 12.21 5.08
N GLN C 159 19.46 11.32 5.85
CA GLN C 159 18.01 11.16 5.82
C GLN C 159 17.31 12.47 6.18
N SER C 160 17.79 13.14 7.22
CA SER C 160 17.20 14.41 7.64
C SER C 160 17.34 15.48 6.55
N PHE C 161 18.50 15.52 5.90
CA PHE C 161 18.69 16.45 4.79
C PHE C 161 17.64 16.19 3.70
N PHE C 162 17.60 14.95 3.21
CA PHE C 162 16.60 14.60 2.19
C PHE C 162 15.18 14.91 2.68
N THR C 163 14.91 14.54 3.94
CA THR C 163 13.60 14.72 4.55
C THR C 163 13.22 16.19 4.70
N ASP C 164 14.01 16.92 5.45
CA ASP C 164 13.62 18.25 5.93
C ASP C 164 14.11 19.38 5.02
N VAL C 165 15.09 19.09 4.17
CA VAL C 165 15.62 20.06 3.22
C VAL C 165 14.99 19.87 1.85
N LEU C 166 15.08 18.64 1.32
CA LEU C 166 14.68 18.37 -0.04
C LEU C 166 13.22 17.96 -0.16
N GLY C 167 12.63 17.60 0.98
CA GLY C 167 11.19 17.42 1.05
C GLY C 167 10.70 16.03 0.75
N PHE C 168 11.59 15.05 0.80
CA PHE C 168 11.15 13.68 0.57
C PHE C 168 10.47 13.10 1.81
N GLY C 169 9.67 12.06 1.58
CA GLY C 169 9.00 11.36 2.67
C GLY C 169 9.51 9.93 2.77
N LEU C 170 9.46 9.38 3.98
CA LEU C 170 9.90 8.00 4.19
C LEU C 170 8.83 7.02 3.76
N SER C 171 9.21 6.06 2.94
CA SER C 171 8.27 5.04 2.49
C SER C 171 8.25 3.90 3.46
N ASP C 172 9.43 3.36 3.75
CA ASP C 172 9.55 2.23 4.66
C ASP C 172 10.99 1.93 5.00
N ARG C 173 11.17 1.04 5.96
CA ARG C 173 12.49 0.62 6.38
C ARG C 173 12.56 -0.90 6.27
N VAL C 174 13.63 -1.40 5.66
CA VAL C 174 13.83 -2.85 5.56
C VAL C 174 15.09 -3.22 6.35
N THR C 175 14.91 -4.06 7.36
CA THR C 175 15.99 -4.39 8.28
C THR C 175 16.16 -5.90 8.44
N TRP C 176 17.39 -6.36 8.22
CA TRP C 176 17.76 -7.75 8.48
C TRP C 176 19.22 -7.82 8.92
N PRO C 177 19.68 -9.02 9.32
CA PRO C 177 21.00 -9.15 9.92
C PRO C 177 22.11 -8.42 9.16
N GLU C 178 22.00 -8.37 7.83
CA GLU C 178 23.09 -7.81 7.02
C GLU C 178 22.94 -6.33 6.69
N ALA C 179 21.72 -5.81 6.71
CA ALA C 179 21.51 -4.41 6.36
C ALA C 179 20.29 -3.74 7.00
N ASP C 180 20.29 -2.42 6.96
CA ASP C 180 19.17 -1.61 7.44
C ASP C 180 18.97 -0.42 6.51
N ILE C 181 18.04 -0.56 5.58
CA ILE C 181 17.88 0.39 4.48
C ILE C 181 16.64 1.26 4.62
N PHE C 182 16.78 2.53 4.26
CA PHE C 182 15.70 3.50 4.43
C PHE C 182 15.29 4.06 3.06
N PHE C 183 14.05 3.79 2.68
CA PHE C 183 13.55 4.11 1.35
C PHE C 183 12.73 5.40 1.37
N LEU C 184 13.08 6.32 0.50
CA LEU C 184 12.47 7.65 0.49
C LEU C 184 11.88 8.02 -0.87
N HIS C 185 10.67 8.59 -0.83
CA HIS C 185 9.97 9.00 -2.04
C HIS C 185 9.80 10.53 -2.11
N CYS C 186 9.59 11.05 -3.31
CA CYS C 186 9.28 12.45 -3.47
C CYS C 186 8.16 12.64 -4.48
N ASN C 187 7.62 11.51 -4.94
CA ASN C 187 6.50 11.48 -5.89
C ASN C 187 5.80 10.12 -5.82
N GLN C 188 5.22 9.72 -6.94
CA GLN C 188 4.49 8.45 -7.03
C GLN C 188 5.36 7.21 -6.94
N ARG C 189 6.62 7.32 -7.39
CA ARG C 189 7.53 6.19 -7.33
C ARG C 189 7.80 5.76 -5.86
N HIS C 190 7.63 4.47 -5.57
CA HIS C 190 7.81 3.95 -4.22
C HIS C 190 9.00 4.58 -3.51
N HIS C 191 10.14 4.56 -4.19
CA HIS C 191 11.27 5.35 -3.73
C HIS C 191 12.14 5.83 -4.89
N THR C 192 12.66 7.05 -4.75
CA THR C 192 13.55 7.65 -5.72
C THR C 192 14.98 7.56 -5.20
N VAL C 193 15.11 7.53 -3.87
CA VAL C 193 16.39 7.31 -3.22
C VAL C 193 16.24 6.34 -2.06
N ALA C 194 17.27 5.54 -1.82
CA ALA C 194 17.34 4.69 -0.64
C ALA C 194 18.69 4.91 0.02
N LEU C 195 18.72 4.91 1.35
CA LEU C 195 19.94 5.20 2.07
C LEU C 195 20.37 4.07 2.98
N SER C 196 21.67 3.82 3.02
CA SER C 196 22.25 2.84 3.91
C SER C 196 23.59 3.32 4.48
N ALA C 197 23.89 2.91 5.70
CA ALA C 197 25.22 3.11 6.28
C ALA C 197 26.18 2.08 5.68
N PRO C 198 27.48 2.20 5.99
CA PRO C 198 28.47 1.27 5.45
C PRO C 198 28.13 -0.18 5.77
N ALA C 199 28.42 -1.08 4.84
CA ALA C 199 28.14 -2.50 5.03
C ALA C 199 29.20 -3.38 4.37
N LEU C 200 29.06 -4.70 4.56
CA LEU C 200 29.92 -5.64 3.88
C LEU C 200 30.07 -5.24 2.43
N GLY C 201 31.25 -4.75 2.06
CA GLY C 201 31.53 -4.36 0.70
C GLY C 201 31.61 -2.86 0.50
N LEU C 202 30.56 -2.15 0.91
CA LEU C 202 30.37 -0.76 0.50
C LEU C 202 30.79 0.28 1.53
N LYS C 203 31.34 1.40 1.03
CA LYS C 203 31.79 2.49 1.87
C LYS C 203 31.03 3.76 1.54
N PRO C 204 31.07 4.75 2.45
CA PRO C 204 30.38 6.03 2.26
C PRO C 204 30.67 6.65 0.90
N GLY C 205 29.62 7.12 0.23
CA GLY C 205 29.77 7.78 -1.07
C GLY C 205 29.66 6.85 -2.26
N MET C 206 29.51 5.56 -1.99
CA MET C 206 29.38 4.56 -3.04
C MET C 206 27.92 4.42 -3.47
N VAL C 207 27.72 4.12 -4.75
CA VAL C 207 26.39 3.76 -5.24
C VAL C 207 26.20 2.26 -5.04
N HIS C 208 25.13 1.89 -4.35
CA HIS C 208 24.76 0.48 -4.24
C HIS C 208 24.18 0.01 -5.56
N HIS C 209 23.09 0.65 -5.98
CA HIS C 209 22.53 0.36 -7.29
C HIS C 209 21.66 1.47 -7.84
N LEU C 210 21.39 1.39 -9.12
CA LEU C 210 20.41 2.23 -9.78
C LEU C 210 19.33 1.32 -10.35
N MET C 211 18.11 1.80 -10.41
CA MET C 211 17.00 1.01 -10.91
C MET C 211 16.25 1.74 -12.01
N LEU C 212 15.98 1.02 -13.10
CA LEU C 212 15.08 1.50 -14.14
C LEU C 212 13.84 0.61 -14.18
N GLU C 213 12.71 1.17 -14.61
CA GLU C 213 11.45 0.44 -14.57
C GLU C 213 10.84 0.27 -15.96
N ALA C 214 10.63 -0.98 -16.37
CA ALA C 214 9.98 -1.29 -17.63
C ALA C 214 8.47 -1.28 -17.48
N LYS C 215 7.75 -1.22 -18.59
CA LYS C 215 6.29 -1.18 -18.53
C LYS C 215 5.64 -2.56 -18.73
N SER C 216 6.45 -3.61 -18.77
CA SER C 216 5.93 -4.97 -18.90
C SER C 216 6.83 -5.98 -18.21
N LYS C 217 6.24 -7.03 -17.65
CA LYS C 217 7.04 -8.07 -17.00
C LYS C 217 7.93 -8.77 -18.02
N GLU C 218 7.43 -8.91 -19.24
CA GLU C 218 8.15 -9.58 -20.32
C GLU C 218 9.48 -8.89 -20.67
N GLN C 219 9.50 -7.57 -20.62
CA GLN C 219 10.74 -6.83 -20.82
C GLN C 219 11.80 -7.24 -19.78
N VAL C 220 11.37 -7.46 -18.55
CA VAL C 220 12.27 -7.84 -17.48
C VAL C 220 12.82 -9.25 -17.75
N ASP C 221 11.92 -10.15 -18.13
CA ASP C 221 12.32 -11.52 -18.44
C ASP C 221 13.26 -11.58 -19.65
N ARG C 222 12.98 -10.76 -20.67
CA ARG C 222 13.86 -10.71 -21.84
C ARG C 222 15.24 -10.18 -21.47
N ALA C 223 15.27 -9.05 -20.78
CA ALA C 223 16.53 -8.47 -20.34
C ALA C 223 17.33 -9.50 -19.54
N PHE C 224 16.65 -10.19 -18.62
CA PHE C 224 17.29 -11.23 -17.82
C PHE C 224 17.91 -12.29 -18.70
N ALA C 225 17.13 -12.76 -19.67
CA ALA C 225 17.64 -13.73 -20.64
C ALA C 225 18.89 -13.19 -21.33
N ALA C 226 18.83 -11.92 -21.72
CA ALA C 226 19.93 -11.28 -22.45
C ALA C 226 21.24 -11.28 -21.65
N VAL C 227 21.15 -10.98 -20.36
CA VAL C 227 22.33 -10.99 -19.50
C VAL C 227 23.03 -12.35 -19.63
N LYS C 228 22.26 -13.42 -19.51
CA LYS C 228 22.79 -14.78 -19.60
C LYS C 228 23.27 -15.11 -21.01
N ARG C 229 22.39 -14.88 -21.99
CA ARG C 229 22.69 -15.15 -23.39
C ARG C 229 23.95 -14.41 -23.87
N LEU C 230 24.15 -13.19 -23.39
CA LEU C 230 25.30 -12.40 -23.79
C LEU C 230 26.54 -12.78 -22.97
N GLY C 231 26.37 -13.81 -22.15
CA GLY C 231 27.48 -14.41 -21.43
C GLY C 231 27.86 -13.72 -20.13
N TYR C 232 27.03 -12.79 -19.69
CA TYR C 232 27.31 -12.06 -18.45
C TYR C 232 26.82 -12.81 -17.22
N ASP C 233 27.10 -12.23 -16.05
CA ASP C 233 26.72 -12.86 -14.80
C ASP C 233 25.61 -12.06 -14.11
N VAL C 234 24.74 -12.77 -13.40
CA VAL C 234 23.66 -12.12 -12.67
C VAL C 234 24.10 -11.88 -11.22
N LEU C 235 23.77 -10.72 -10.69
CA LEU C 235 24.03 -10.45 -9.29
C LEU C 235 22.93 -11.06 -8.43
N MET C 236 21.69 -10.71 -8.77
CA MET C 236 20.52 -11.28 -8.12
C MET C 236 19.50 -11.76 -9.16
N THR C 237 19.07 -13.01 -9.00
CA THR C 237 18.09 -13.62 -9.88
C THR C 237 16.75 -12.90 -9.79
N ILE C 238 15.84 -13.19 -10.72
CA ILE C 238 14.53 -12.57 -10.70
C ILE C 238 13.86 -12.78 -9.33
N GLY C 239 13.15 -11.75 -8.88
CA GLY C 239 12.48 -11.80 -7.59
C GLY C 239 11.49 -10.66 -7.43
N GLN C 240 10.92 -10.57 -6.24
CA GLN C 240 10.00 -9.49 -5.93
C GLN C 240 10.34 -8.94 -4.56
N HIS C 241 10.51 -7.63 -4.48
CA HIS C 241 10.83 -6.99 -3.21
C HIS C 241 9.61 -6.88 -2.33
N SER C 242 9.84 -6.95 -1.02
CA SER C 242 8.76 -6.90 -0.05
C SER C 242 8.12 -5.52 0.01
N ASN C 243 8.94 -4.48 -0.01
CA ASN C 243 8.44 -3.12 0.15
C ASN C 243 7.82 -2.54 -1.12
N ASP C 244 8.61 -2.45 -2.19
CA ASP C 244 8.14 -1.83 -3.43
C ASP C 244 7.35 -2.77 -4.33
N LYS C 245 7.43 -4.07 -4.06
CA LYS C 245 6.67 -5.07 -4.83
C LYS C 245 7.19 -5.24 -6.25
N VAL C 246 8.34 -4.62 -6.53
CA VAL C 246 8.92 -4.66 -7.87
C VAL C 246 9.32 -6.09 -8.26
N TYR C 247 8.97 -6.47 -9.47
CA TYR C 247 9.46 -7.70 -10.09
C TYR C 247 10.74 -7.33 -10.85
N SER C 248 11.88 -7.78 -10.37
CA SER C 248 13.15 -7.32 -10.93
C SER C 248 14.29 -8.32 -10.78
N PHE C 249 15.37 -8.04 -11.49
CA PHE C 249 16.64 -8.72 -11.29
C PHE C 249 17.76 -7.70 -11.23
N TYR C 250 18.90 -8.12 -10.71
CA TYR C 250 20.06 -7.23 -10.58
C TYR C 250 21.23 -7.78 -11.38
N MET C 251 22.01 -6.87 -11.94
CA MET C 251 23.28 -7.23 -12.58
C MET C 251 24.37 -6.28 -12.11
N MET C 252 25.59 -6.79 -12.05
CA MET C 252 26.74 -5.95 -11.70
C MET C 252 27.26 -5.30 -12.98
N ALA C 253 27.26 -3.97 -13.00
CA ALA C 253 27.76 -3.24 -14.16
C ALA C 253 29.25 -2.95 -14.01
N PRO C 254 29.94 -2.77 -15.14
CA PRO C 254 31.39 -2.53 -15.15
C PRO C 254 31.78 -1.21 -14.48
N ALA C 255 30.85 -0.29 -14.34
CA ALA C 255 31.12 0.98 -13.67
C ALA C 255 31.25 0.79 -12.15
N GLY C 256 31.03 -0.43 -11.70
CA GLY C 256 31.29 -0.77 -10.30
C GLY C 256 30.10 -0.66 -9.36
N PHE C 257 28.90 -0.65 -9.92
CA PHE C 257 27.67 -0.68 -9.12
C PHE C 257 26.64 -1.56 -9.82
N ALA C 258 25.59 -1.94 -9.09
CA ALA C 258 24.56 -2.80 -9.65
C ALA C 258 23.52 -2.02 -10.45
N VAL C 259 22.96 -2.68 -11.46
CA VAL C 259 21.87 -2.13 -12.24
C VAL C 259 20.67 -3.05 -12.10
N GLU C 260 19.54 -2.46 -11.70
CA GLU C 260 18.30 -3.21 -11.52
C GLU C 260 17.28 -2.83 -12.60
N LEU C 261 16.68 -3.83 -13.23
CA LEU C 261 15.55 -3.57 -14.10
C LEU C 261 14.32 -4.26 -13.51
N GLY C 262 13.31 -3.47 -13.19
CA GLY C 262 12.12 -3.97 -12.52
C GLY C 262 10.81 -3.66 -13.23
N PHE C 263 9.73 -4.29 -12.78
CA PHE C 263 8.39 -4.03 -13.27
C PHE C 263 7.36 -4.08 -12.14
N GLY C 264 6.32 -3.27 -12.25
CA GLY C 264 5.19 -3.31 -11.32
C GLY C 264 5.45 -2.70 -9.95
N GLY C 265 6.18 -1.60 -9.92
CA GLY C 265 6.51 -0.95 -8.66
C GLY C 265 5.30 -0.32 -7.97
N GLN C 266 5.21 -0.53 -6.66
CA GLN C 266 4.14 0.07 -5.86
C GLN C 266 4.10 1.58 -6.02
N VAL C 267 2.91 2.12 -6.31
CA VAL C 267 2.77 3.57 -6.45
C VAL C 267 2.29 4.20 -5.14
N ILE C 268 2.85 5.36 -4.81
CA ILE C 268 2.37 6.14 -3.69
C ILE C 268 1.31 7.11 -4.22
N GLY C 269 0.05 6.73 -4.08
CA GLY C 269 -1.05 7.51 -4.62
C GLY C 269 -1.21 8.87 -3.97
N ASP C 270 -1.14 8.90 -2.65
CA ASP C 270 -1.32 10.12 -1.88
C ASP C 270 -0.20 10.23 -0.86
N LEU C 271 0.76 11.10 -1.13
CA LEU C 271 1.94 11.21 -0.28
C LEU C 271 1.58 11.61 1.15
N GLU C 272 0.56 12.46 1.28
CA GLU C 272 0.16 13.00 2.57
C GLU C 272 -0.29 11.91 3.55
N SER C 273 -0.90 10.85 3.02
CA SER C 273 -1.48 9.83 3.87
C SER C 273 -0.71 8.50 3.84
N TRP C 274 0.43 8.48 3.16
CA TRP C 274 1.22 7.25 3.10
C TRP C 274 1.75 6.85 4.48
N HIS C 275 1.64 5.56 4.78
CA HIS C 275 2.05 5.02 6.06
C HIS C 275 3.46 4.42 5.97
N VAL C 276 4.35 4.89 6.82
CA VAL C 276 5.71 4.34 6.86
C VAL C 276 5.65 2.86 7.21
N GLY C 277 6.16 2.02 6.31
CA GLY C 277 6.15 0.58 6.55
C GLY C 277 7.44 0.03 7.12
N PHE C 278 7.37 -1.18 7.65
CA PHE C 278 8.53 -1.86 8.22
C PHE C 278 8.55 -3.32 7.80
N TYR C 279 9.70 -3.80 7.34
CA TYR C 279 9.83 -5.19 6.88
C TYR C 279 11.12 -5.82 7.40
N ASP C 280 11.08 -7.12 7.69
CA ASP C 280 12.25 -7.81 8.22
C ASP C 280 13.03 -8.57 7.13
N ALA C 281 12.53 -8.53 5.90
CA ALA C 281 13.20 -9.18 4.78
C ALA C 281 12.99 -8.38 3.49
N PRO C 282 14.05 -8.28 2.68
CA PRO C 282 14.01 -7.46 1.46
C PRO C 282 13.14 -8.02 0.35
N SER C 283 12.96 -9.34 0.31
CA SER C 283 12.23 -9.95 -0.81
C SER C 283 11.18 -10.98 -0.40
N ILE C 284 10.10 -11.05 -1.16
CA ILE C 284 9.05 -12.05 -0.96
C ILE C 284 9.54 -13.40 -1.45
N TRP C 285 10.03 -13.42 -2.68
CA TRP C 285 10.54 -14.63 -3.32
C TRP C 285 11.65 -14.29 -4.32
N GLY C 286 12.43 -15.29 -4.72
CA GLY C 286 13.50 -15.10 -5.69
C GLY C 286 14.61 -14.18 -5.19
N HIS C 287 15.18 -13.39 -6.10
CA HIS C 287 16.28 -12.49 -5.76
C HIS C 287 17.44 -13.21 -5.06
N GLU C 288 17.80 -14.36 -5.61
CA GLU C 288 18.90 -15.15 -5.05
C GLU C 288 20.24 -14.56 -5.43
N LEU C 289 21.05 -14.24 -4.41
CA LEU C 289 22.39 -13.72 -4.64
C LEU C 289 23.20 -14.76 -5.41
N GLN C 290 23.84 -14.32 -6.49
CA GLN C 290 24.47 -15.25 -7.43
C GLN C 290 23.41 -16.06 -8.18
N SER D 2 36.66 33.78 -61.95
CA SER D 2 37.75 32.84 -61.56
C SER D 2 37.76 32.64 -60.04
N VAL D 3 38.34 31.53 -59.59
CA VAL D 3 38.52 31.32 -58.15
C VAL D 3 39.30 32.49 -57.55
N LYS D 4 38.96 32.85 -56.33
CA LYS D 4 39.55 34.01 -55.68
C LYS D 4 40.85 33.63 -54.95
N GLN D 5 40.79 32.55 -54.19
CA GLN D 5 41.94 32.10 -53.42
C GLN D 5 41.73 30.70 -52.84
N LEU D 6 42.82 30.05 -52.44
CA LEU D 6 42.73 28.82 -51.67
C LEU D 6 42.38 29.21 -50.24
N GLY D 7 41.16 28.89 -49.82
CA GLY D 7 40.63 29.38 -48.55
C GLY D 7 40.80 28.42 -47.38
N TYR D 8 40.68 27.12 -47.67
CA TYR D 8 40.91 26.11 -46.64
C TYR D 8 41.26 24.75 -47.21
N LEU D 9 41.82 23.91 -46.36
CA LEU D 9 42.07 22.51 -46.68
C LEU D 9 41.60 21.67 -45.52
N ILE D 10 40.92 20.57 -45.82
CA ILE D 10 40.50 19.64 -44.78
C ILE D 10 41.15 18.30 -45.07
N PHE D 11 41.89 17.80 -44.09
CA PHE D 11 42.50 16.48 -44.18
C PHE D 11 41.83 15.54 -43.19
N GLU D 12 41.79 14.26 -43.52
CA GLU D 12 41.43 13.22 -42.57
C GLU D 12 42.70 12.51 -42.15
N CYS D 13 42.79 12.14 -40.87
CA CYS D 13 43.98 11.48 -40.34
C CYS D 13 43.63 10.39 -39.34
N ARG D 14 44.46 9.35 -39.30
CA ARG D 14 44.37 8.35 -38.24
C ARG D 14 44.65 9.04 -36.91
N ALA D 15 44.13 8.46 -35.83
CA ALA D 15 44.21 9.08 -34.51
C ALA D 15 45.60 9.59 -34.14
N ASP D 16 46.61 8.75 -34.33
CA ASP D 16 47.97 9.13 -33.92
C ASP D 16 48.64 10.06 -34.92
N VAL D 17 48.34 9.89 -36.21
CA VAL D 17 48.83 10.81 -37.23
C VAL D 17 48.30 12.20 -36.91
N LEU D 18 47.02 12.28 -36.59
CA LEU D 18 46.37 13.54 -36.24
C LEU D 18 47.18 14.30 -35.19
N GLU D 19 47.48 13.63 -34.07
CA GLU D 19 48.18 14.28 -32.96
C GLU D 19 49.58 14.73 -33.33
N GLN D 20 50.24 13.95 -34.18
CA GLN D 20 51.59 14.27 -34.66
C GLN D 20 51.57 15.51 -35.56
N MET D 21 50.52 15.65 -36.36
CA MET D 21 50.40 16.79 -37.27
C MET D 21 50.14 18.07 -36.49
N VAL D 22 49.45 17.96 -35.36
CA VAL D 22 49.27 19.12 -34.49
C VAL D 22 50.65 19.66 -34.09
N VAL D 23 51.55 18.75 -33.74
CA VAL D 23 52.94 19.15 -33.45
C VAL D 23 53.51 19.99 -34.59
N VAL D 24 53.42 19.47 -35.80
CA VAL D 24 53.94 20.18 -36.97
C VAL D 24 53.42 21.61 -37.04
N TYR D 25 52.10 21.76 -36.99
CA TYR D 25 51.48 23.08 -37.19
C TYR D 25 51.62 24.01 -35.98
N GLN D 26 51.55 23.44 -34.79
CA GLN D 26 51.61 24.22 -33.57
C GLN D 26 53.05 24.50 -33.15
N ASP D 27 53.87 23.45 -33.12
CA ASP D 27 55.17 23.54 -32.46
C ASP D 27 56.34 23.79 -33.41
N ILE D 28 56.15 23.54 -34.70
CA ILE D 28 57.18 23.89 -35.67
C ILE D 28 56.76 25.12 -36.46
N ILE D 29 55.59 25.04 -37.11
CA ILE D 29 55.06 26.09 -37.97
C ILE D 29 54.72 27.37 -37.18
N GLY D 30 54.31 27.18 -35.92
CA GLY D 30 53.94 28.31 -35.08
C GLY D 30 52.54 28.86 -35.37
N ALA D 31 51.67 28.01 -35.91
CA ALA D 31 50.29 28.42 -36.14
C ALA D 31 49.48 28.20 -34.86
N VAL D 32 48.28 28.76 -34.80
CA VAL D 32 47.41 28.49 -33.66
C VAL D 32 46.55 27.27 -34.00
N VAL D 33 46.52 26.30 -33.09
CA VAL D 33 45.80 25.06 -33.34
C VAL D 33 44.79 24.81 -32.23
N GLU D 34 43.52 24.99 -32.56
CA GLU D 34 42.46 24.81 -31.59
C GLU D 34 41.84 23.42 -31.73
N ARG D 35 41.35 22.89 -30.61
CA ARG D 35 40.70 21.58 -30.62
C ARG D 35 39.20 21.72 -30.32
N ASP D 36 38.38 20.89 -30.96
CA ASP D 36 36.95 20.93 -30.66
C ASP D 36 36.44 19.67 -29.96
N GLU D 37 35.14 19.62 -29.73
CA GLU D 37 34.51 18.52 -28.99
C GLU D 37 34.84 17.15 -29.60
N GLY D 38 34.89 17.10 -30.92
CA GLY D 38 35.13 15.86 -31.64
C GLY D 38 36.59 15.51 -31.85
N GLY D 39 37.48 16.29 -31.23
CA GLY D 39 38.91 16.04 -31.37
C GLY D 39 39.47 16.47 -32.71
N ARG D 40 38.76 17.38 -33.39
CA ARG D 40 39.28 17.99 -34.60
C ARG D 40 40.41 18.94 -34.25
N ALA D 41 41.29 19.20 -35.21
CA ALA D 41 42.33 20.21 -35.03
C ALA D 41 42.15 21.33 -36.06
N LEU D 42 41.87 22.53 -35.58
CA LEU D 42 41.63 23.68 -36.44
C LEU D 42 42.88 24.53 -36.53
N VAL D 43 43.56 24.49 -37.67
CA VAL D 43 44.81 25.22 -37.84
C VAL D 43 44.49 26.64 -38.32
N ARG D 44 44.81 27.61 -37.47
CA ARG D 44 44.48 29.00 -37.74
C ARG D 44 45.73 29.83 -38.06
N LEU D 45 45.66 30.60 -39.16
CA LEU D 45 46.76 31.48 -39.57
C LEU D 45 46.26 32.92 -39.64
N ASP D 46 44.97 33.11 -39.42
CA ASP D 46 44.41 34.45 -39.26
C ASP D 46 43.07 34.42 -38.53
N GLY D 47 42.20 35.36 -38.84
CA GLY D 47 40.93 35.47 -38.17
C GLY D 47 40.01 34.29 -38.44
N ARG D 48 40.18 33.64 -39.59
CA ARG D 48 39.27 32.56 -39.95
C ARG D 48 39.30 31.42 -38.93
N PRO D 49 38.12 30.84 -38.64
CA PRO D 49 37.97 29.72 -37.72
C PRO D 49 38.95 28.60 -38.00
N PHE D 50 39.25 28.38 -39.28
CA PHE D 50 40.29 27.44 -39.67
C PHE D 50 40.77 27.71 -41.09
N ARG D 51 42.05 27.43 -41.34
CA ARG D 51 42.59 27.46 -42.69
C ARG D 51 42.92 26.04 -43.12
N ILE D 52 43.47 25.27 -42.19
CA ILE D 52 43.62 23.84 -42.36
C ILE D 52 42.93 23.15 -41.19
N ARG D 53 42.11 22.15 -41.49
CA ARG D 53 41.48 21.39 -40.43
C ARG D 53 41.78 19.90 -40.58
N LEU D 54 42.07 19.26 -39.46
CA LEU D 54 42.35 17.83 -39.44
C LEU D 54 41.19 17.12 -38.75
N ASP D 55 40.63 16.12 -39.42
CA ASP D 55 39.48 15.38 -38.90
C ASP D 55 39.86 13.93 -38.69
N PRO D 56 39.37 13.33 -37.60
CA PRO D 56 39.66 11.92 -37.38
C PRO D 56 39.04 11.05 -38.46
N GLY D 57 39.79 10.07 -38.96
CA GLY D 57 39.31 9.18 -40.01
C GLY D 57 40.15 7.92 -40.08
N PRO D 58 39.63 6.89 -40.77
CA PRO D 58 40.30 5.59 -40.89
C PRO D 58 41.51 5.62 -41.83
N ALA D 59 41.63 6.68 -42.63
CA ALA D 59 42.73 6.78 -43.57
C ALA D 59 43.30 8.20 -43.62
N ASN D 60 44.59 8.30 -43.91
CA ASN D 60 45.24 9.59 -44.11
C ASN D 60 44.98 10.08 -45.53
N ARG D 61 44.31 11.23 -45.66
CA ARG D 61 43.97 11.74 -46.98
C ARG D 61 43.57 13.21 -46.95
N LEU D 62 43.76 13.90 -48.07
CA LEU D 62 43.16 15.22 -48.25
C LEU D 62 41.70 15.01 -48.60
N ALA D 63 40.81 15.61 -47.81
CA ALA D 63 39.39 15.33 -47.94
C ALA D 63 38.63 16.41 -48.68
N ALA D 64 39.08 17.65 -48.59
CA ALA D 64 38.41 18.73 -49.30
C ALA D 64 39.35 19.91 -49.57
N ILE D 65 39.26 20.43 -50.79
CA ILE D 65 39.96 21.66 -51.16
C ILE D 65 38.95 22.81 -51.22
N GLY D 66 39.15 23.83 -50.40
CA GLY D 66 38.21 24.94 -50.35
C GLY D 66 38.63 26.13 -51.18
N TRP D 67 38.04 26.25 -52.37
CA TRP D 67 38.33 27.37 -53.26
C TRP D 67 37.35 28.52 -52.98
N ASN D 68 37.84 29.58 -52.37
CA ASN D 68 36.99 30.74 -52.16
C ASN D 68 36.70 31.46 -53.47
N VAL D 69 35.45 31.85 -53.65
CA VAL D 69 35.04 32.64 -54.80
C VAL D 69 34.15 33.81 -54.35
N ASP D 70 34.14 34.90 -55.13
CA ASP D 70 33.23 36.00 -54.86
C ASP D 70 31.79 35.53 -55.13
N PRO D 71 30.83 36.03 -54.34
CA PRO D 71 29.45 35.60 -54.51
C PRO D 71 29.02 35.65 -55.98
N SER D 72 29.41 36.72 -56.68
CA SER D 72 28.98 36.95 -58.05
C SER D 72 29.48 35.90 -59.03
N ASP D 73 30.55 35.20 -58.66
CA ASP D 73 31.18 34.26 -59.56
C ASP D 73 30.81 32.80 -59.27
N LEU D 74 30.26 32.53 -58.09
CA LEU D 74 29.98 31.16 -57.67
C LEU D 74 29.15 30.37 -58.69
N ALA D 75 27.96 30.88 -58.98
CA ALA D 75 27.06 30.21 -59.93
C ALA D 75 27.72 30.01 -61.29
N ALA D 76 28.49 31.02 -61.71
CA ALA D 76 29.11 30.99 -63.03
C ALA D 76 30.15 29.88 -63.12
N ILE D 77 31.06 29.83 -62.15
CA ILE D 77 32.14 28.85 -62.19
C ILE D 77 31.56 27.44 -62.04
N ALA D 78 30.58 27.29 -61.15
CA ALA D 78 29.89 26.01 -61.01
C ALA D 78 29.36 25.54 -62.37
N GLU D 79 28.85 26.48 -63.16
CA GLU D 79 28.34 26.12 -64.49
C GLU D 79 29.45 25.56 -65.37
N GLN D 80 30.63 26.17 -65.32
CA GLN D 80 31.72 25.73 -66.17
C GLN D 80 32.20 24.34 -65.78
N VAL D 81 32.22 24.06 -64.48
CA VAL D 81 32.65 22.75 -64.01
C VAL D 81 31.67 21.69 -64.51
N GLU D 82 30.38 21.96 -64.38
CA GLU D 82 29.35 21.06 -64.91
C GLU D 82 29.59 20.84 -66.40
N LYS D 83 29.86 21.93 -67.11
CA LYS D 83 30.14 21.91 -68.54
C LYS D 83 31.34 21.01 -68.85
N ALA D 84 32.34 21.07 -67.98
CA ALA D 84 33.53 20.23 -68.12
C ALA D 84 33.21 18.80 -67.69
N CYS D 85 31.96 18.54 -67.34
CA CYS D 85 31.47 17.19 -67.05
C CYS D 85 31.78 16.68 -65.65
N TYR D 86 31.78 17.59 -64.68
CA TYR D 86 31.83 17.20 -63.27
C TYR D 86 30.49 17.60 -62.64
N SER D 87 29.83 16.68 -61.97
CA SER D 87 28.60 17.01 -61.28
C SER D 87 28.88 17.89 -60.06
N VAL D 88 28.19 19.02 -59.96
CA VAL D 88 28.33 19.95 -58.84
C VAL D 88 27.13 19.85 -57.89
N VAL D 89 27.36 19.44 -56.65
CA VAL D 89 26.26 19.38 -55.69
C VAL D 89 26.24 20.57 -54.75
N THR D 90 25.04 20.97 -54.35
CA THR D 90 24.87 22.08 -53.42
C THR D 90 24.89 21.54 -51.99
N ALA D 91 25.72 22.16 -51.15
CA ALA D 91 25.82 21.74 -49.76
C ALA D 91 24.63 22.22 -48.94
N ASP D 92 24.19 21.39 -48.00
CA ASP D 92 23.11 21.78 -47.10
C ASP D 92 23.63 22.72 -46.01
N ALA D 93 22.74 23.18 -45.15
CA ALA D 93 23.11 24.15 -44.12
C ALA D 93 24.21 23.62 -43.21
N GLU D 94 24.11 22.35 -42.82
CA GLU D 94 25.09 21.75 -41.91
C GLU D 94 26.50 21.74 -42.50
N LEU D 95 26.59 21.39 -43.78
CA LEU D 95 27.89 21.34 -44.44
C LEU D 95 28.49 22.74 -44.58
N ALA D 96 27.67 23.70 -45.04
CA ALA D 96 28.13 25.07 -45.17
C ALA D 96 28.65 25.61 -43.83
N ALA D 97 27.84 25.45 -42.79
CA ALA D 97 28.22 25.88 -41.46
C ALA D 97 29.50 25.19 -41.00
N ASP D 98 29.59 23.89 -41.26
CA ASP D 98 30.75 23.09 -40.87
C ASP D 98 32.03 23.70 -41.45
N ARG D 99 31.92 24.21 -42.67
CA ARG D 99 33.07 24.76 -43.38
C ARG D 99 33.31 26.22 -43.00
N ALA D 100 32.43 26.78 -42.18
CA ALA D 100 32.50 28.19 -41.82
C ALA D 100 32.29 29.05 -43.06
N ALA D 101 31.43 28.58 -43.96
CA ALA D 101 31.15 29.27 -45.21
C ALA D 101 29.67 29.61 -45.33
N ALA D 102 29.36 30.63 -46.13
CA ALA D 102 27.99 31.05 -46.36
C ALA D 102 27.33 30.12 -47.37
N GLN D 103 28.10 29.67 -48.36
CA GLN D 103 27.62 28.76 -49.39
C GLN D 103 28.76 27.87 -49.85
N VAL D 104 28.44 26.63 -50.20
CA VAL D 104 29.44 25.67 -50.66
C VAL D 104 28.87 24.83 -51.82
N ARG D 105 29.58 24.82 -52.94
CA ARG D 105 29.29 23.92 -54.04
C ARG D 105 30.43 22.90 -54.13
N GLN D 106 30.08 21.61 -54.21
CA GLN D 106 31.06 20.54 -54.08
C GLN D 106 31.15 19.70 -55.36
N PHE D 107 32.36 19.33 -55.74
CA PHE D 107 32.55 18.35 -56.82
C PHE D 107 33.83 17.53 -56.65
N ALA D 108 33.92 16.40 -57.35
CA ALA D 108 35.10 15.54 -57.30
C ALA D 108 35.70 15.36 -58.70
N ASP D 109 37.03 15.34 -58.77
CA ASP D 109 37.70 15.22 -60.06
C ASP D 109 38.16 13.80 -60.38
N ASN D 110 38.73 13.62 -61.56
CA ASN D 110 39.18 12.30 -61.97
C ASN D 110 40.46 11.86 -61.26
N ASP D 111 41.11 12.81 -60.60
CA ASP D 111 42.35 12.50 -59.89
C ASP D 111 42.11 12.17 -58.41
N GLY D 112 40.83 12.08 -58.03
CA GLY D 112 40.45 11.70 -56.67
C GLY D 112 40.32 12.83 -55.67
N PHE D 113 40.51 14.07 -56.12
CA PHE D 113 40.40 15.21 -55.21
C PHE D 113 38.98 15.76 -55.14
N THR D 114 38.55 16.13 -53.94
CA THR D 114 37.24 16.75 -53.76
C THR D 114 37.40 18.28 -53.67
N HIS D 115 36.70 18.98 -54.55
CA HIS D 115 36.77 20.45 -54.61
C HIS D 115 35.54 21.08 -54.00
N GLU D 116 35.73 22.24 -53.39
CA GLU D 116 34.59 22.98 -52.84
C GLU D 116 34.71 24.45 -53.20
N LEU D 117 33.79 24.92 -54.03
CA LEU D 117 33.67 26.34 -54.34
C LEU D 117 32.77 26.95 -53.29
N TYR D 118 33.28 27.95 -52.58
CA TYR D 118 32.54 28.50 -51.46
C TYR D 118 32.56 30.02 -51.38
N VAL D 119 31.53 30.57 -50.77
CA VAL D 119 31.49 31.99 -50.43
C VAL D 119 31.79 32.11 -48.94
N GLU D 120 32.70 33.02 -48.60
CA GLU D 120 33.19 33.16 -47.24
C GLU D 120 32.19 33.78 -46.27
N SER D 121 32.24 33.29 -45.03
CA SER D 121 31.52 33.90 -43.93
C SER D 121 32.42 34.94 -43.27
N SER D 122 31.84 36.05 -42.85
CA SER D 122 32.60 37.10 -42.19
C SER D 122 33.28 36.57 -40.92
N PHE D 123 34.50 37.05 -40.64
CA PHE D 123 35.19 36.68 -39.42
C PHE D 123 36.06 37.83 -38.94
N PRO D 124 36.32 37.89 -37.63
CA PRO D 124 37.03 39.01 -37.00
C PRO D 124 38.51 38.99 -37.33
N THR D 125 39.15 40.16 -37.23
CA THR D 125 40.59 40.26 -37.41
C THR D 125 41.32 39.60 -36.22
N ASP D 126 42.52 39.08 -36.48
CA ASP D 126 43.37 38.55 -35.42
C ASP D 126 44.76 39.13 -35.63
N PRO D 127 45.00 40.32 -35.06
CA PRO D 127 46.23 41.08 -35.28
C PRO D 127 47.50 40.30 -35.02
N VAL D 128 47.60 39.66 -33.85
CA VAL D 128 48.82 38.93 -33.52
C VAL D 128 49.10 37.88 -34.58
N LEU D 129 48.11 37.02 -34.84
CA LEU D 129 48.32 35.92 -35.76
C LEU D 129 48.56 36.43 -37.17
N GLU D 130 47.82 37.47 -37.55
CA GLU D 130 47.97 38.06 -38.88
C GLU D 130 49.37 38.62 -39.10
N SER D 131 50.01 39.02 -38.01
CA SER D 131 51.38 39.53 -38.07
C SER D 131 52.39 38.44 -38.42
N LEU D 132 51.94 37.19 -38.42
CA LEU D 132 52.86 36.07 -38.53
C LEU D 132 52.85 35.35 -39.88
N PHE D 133 51.71 35.37 -40.56
CA PHE D 133 51.56 34.61 -41.80
C PHE D 133 50.96 35.44 -42.93
N VAL D 134 51.41 35.17 -44.15
CA VAL D 134 50.77 35.70 -45.34
C VAL D 134 49.58 34.78 -45.64
N CYS D 135 48.38 35.24 -45.34
CA CYS D 135 47.18 34.45 -45.57
C CYS D 135 45.98 35.34 -45.84
N GLY D 136 45.18 34.96 -46.84
CA GLY D 136 43.97 35.71 -47.16
C GLY D 136 44.24 37.09 -47.72
N GLU D 137 43.52 38.08 -47.23
CA GLU D 137 43.67 39.45 -47.71
C GLU D 137 44.79 40.17 -46.98
N GLU D 138 45.74 40.71 -47.74
CA GLU D 138 46.84 41.49 -47.20
C GLU D 138 46.85 42.89 -47.82
N ALA D 139 47.71 43.76 -47.30
CA ALA D 139 47.84 45.12 -47.83
C ALA D 139 48.26 45.09 -49.30
N ASN D 140 49.00 44.05 -49.69
CA ASN D 140 49.53 43.95 -51.04
C ASN D 140 48.74 43.01 -51.96
N GLY D 141 47.55 42.61 -51.52
CA GLY D 141 46.68 41.80 -52.37
C GLY D 141 45.98 40.65 -51.67
N ILE D 142 45.52 39.69 -52.46
CA ILE D 142 44.85 38.49 -51.95
C ILE D 142 45.74 37.28 -52.17
N PHE D 143 45.86 36.43 -51.17
CA PHE D 143 46.90 35.41 -51.14
C PHE D 143 46.40 33.99 -50.87
N GLY D 144 45.24 33.86 -50.25
CA GLY D 144 44.79 32.56 -49.77
C GLY D 144 45.76 32.06 -48.72
N LEU D 145 45.68 30.78 -48.38
CA LEU D 145 46.46 30.21 -47.28
C LEU D 145 47.91 29.86 -47.64
N GLY D 146 48.14 29.53 -48.91
CA GLY D 146 49.44 29.04 -49.35
C GLY D 146 49.28 28.27 -50.65
N HIS D 147 50.16 27.32 -50.91
CA HIS D 147 49.98 26.48 -52.09
C HIS D 147 49.98 24.99 -51.81
N LEU D 148 49.31 24.26 -52.67
CA LEU D 148 49.29 22.81 -52.63
C LEU D 148 49.83 22.27 -53.94
N VAL D 149 50.83 21.40 -53.87
CA VAL D 149 51.40 20.78 -55.07
C VAL D 149 50.87 19.35 -55.18
N VAL D 150 50.33 19.03 -56.35
CA VAL D 150 49.66 17.75 -56.56
C VAL D 150 50.24 16.93 -57.71
N ILE D 151 50.16 15.61 -57.58
CA ILE D 151 50.59 14.68 -58.61
C ILE D 151 49.33 14.15 -59.32
N VAL D 152 49.33 14.23 -60.65
CA VAL D 152 48.16 13.83 -61.44
C VAL D 152 48.51 12.92 -62.63
N ALA D 153 47.53 12.15 -63.09
CA ALA D 153 47.74 11.23 -64.21
C ALA D 153 48.02 11.96 -65.51
N ASP D 154 47.16 12.93 -65.82
CA ASP D 154 47.26 13.69 -67.05
C ASP D 154 47.43 15.17 -66.71
N ARG D 155 48.68 15.63 -66.68
CA ARG D 155 48.93 17.00 -66.24
C ARG D 155 48.27 18.04 -67.14
N ALA D 156 48.32 17.83 -68.45
CA ALA D 156 47.81 18.80 -69.41
C ALA D 156 46.31 19.04 -69.26
N LYS D 157 45.55 17.96 -69.07
CA LYS D 157 44.10 18.09 -68.94
C LYS D 157 43.76 18.78 -67.63
N THR D 158 44.41 18.36 -66.55
CA THR D 158 44.21 18.98 -65.26
C THR D 158 44.61 20.45 -65.31
N GLN D 159 45.73 20.74 -65.98
CA GLN D 159 46.15 22.11 -66.18
C GLN D 159 45.07 22.91 -66.90
N SER D 160 44.55 22.35 -67.97
CA SER D 160 43.50 23.02 -68.74
C SER D 160 42.21 23.18 -67.93
N PHE D 161 41.95 22.24 -67.03
CA PHE D 161 40.80 22.37 -66.14
C PHE D 161 40.98 23.58 -65.23
N PHE D 162 42.08 23.62 -64.48
CA PHE D 162 42.39 24.75 -63.63
C PHE D 162 42.40 26.08 -64.38
N THR D 163 42.97 26.08 -65.57
CA THR D 163 43.12 27.32 -66.35
C THR D 163 41.80 27.76 -66.98
N ASP D 164 41.18 26.88 -67.75
CA ASP D 164 40.02 27.27 -68.54
C ASP D 164 38.68 27.21 -67.80
N VAL D 165 38.62 26.45 -66.73
CA VAL D 165 37.37 26.33 -65.94
C VAL D 165 37.44 27.10 -64.63
N LEU D 166 38.53 26.92 -63.88
CA LEU D 166 38.66 27.57 -62.59
C LEU D 166 39.26 28.97 -62.69
N GLY D 167 39.91 29.25 -63.82
CA GLY D 167 40.39 30.61 -64.10
C GLY D 167 41.79 30.94 -63.63
N PHE D 168 42.59 29.91 -63.36
CA PHE D 168 43.98 30.10 -62.97
C PHE D 168 44.82 30.53 -64.17
N GLY D 169 45.94 31.19 -63.89
CA GLY D 169 46.90 31.54 -64.94
C GLY D 169 48.23 30.85 -64.66
N LEU D 170 48.98 30.56 -65.72
CA LEU D 170 50.26 29.90 -65.57
C LEU D 170 51.32 30.91 -65.13
N SER D 171 52.05 30.57 -64.08
CA SER D 171 53.10 31.44 -63.57
C SER D 171 54.39 31.14 -64.31
N ASP D 172 54.77 29.87 -64.28
CA ASP D 172 56.02 29.44 -64.88
C ASP D 172 56.11 27.93 -64.90
N ARG D 173 57.07 27.41 -65.65
CA ARG D 173 57.33 25.99 -65.71
C ARG D 173 58.77 25.74 -65.29
N VAL D 174 58.98 24.76 -64.43
CA VAL D 174 60.32 24.41 -63.99
C VAL D 174 60.61 22.97 -64.42
N THR D 175 61.64 22.81 -65.25
CA THR D 175 61.92 21.51 -65.85
C THR D 175 63.40 21.14 -65.74
N TRP D 176 63.62 19.93 -65.24
CA TRP D 176 64.95 19.34 -65.15
C TRP D 176 64.83 17.82 -65.29
N PRO D 177 65.96 17.11 -65.33
CA PRO D 177 65.94 15.66 -65.59
C PRO D 177 64.94 14.88 -64.74
N GLU D 178 64.70 15.32 -63.51
CA GLU D 178 63.86 14.58 -62.57
C GLU D 178 62.39 14.96 -62.61
N ALA D 179 62.09 16.20 -63.00
CA ALA D 179 60.71 16.67 -62.95
C ALA D 179 60.36 17.76 -63.97
N ASP D 180 59.07 17.90 -64.23
CA ASP D 180 58.53 18.94 -65.08
C ASP D 180 57.27 19.51 -64.42
N ILE D 181 57.44 20.62 -63.70
CA ILE D 181 56.40 21.14 -62.82
C ILE D 181 55.77 22.44 -63.32
N PHE D 182 54.43 22.52 -63.20
CA PHE D 182 53.64 23.63 -63.75
C PHE D 182 52.98 24.42 -62.63
N PHE D 183 53.39 25.68 -62.47
CA PHE D 183 52.96 26.50 -61.34
C PHE D 183 51.86 27.48 -61.74
N LEU D 184 50.76 27.45 -61.01
CA LEU D 184 49.55 28.19 -61.39
C LEU D 184 49.08 29.13 -60.29
N HIS D 185 48.69 30.33 -60.68
CA HIS D 185 48.21 31.35 -59.75
C HIS D 185 46.75 31.72 -60.00
N CYS D 186 46.09 32.26 -58.98
CA CYS D 186 44.74 32.76 -59.14
C CYS D 186 44.58 34.11 -58.43
N ASN D 187 45.67 34.55 -57.79
CA ASN D 187 45.75 35.88 -57.22
C ASN D 187 47.21 36.32 -57.15
N GLN D 188 47.57 37.09 -56.13
CA GLN D 188 48.94 37.62 -56.05
C GLN D 188 50.00 36.64 -55.56
N ARG D 189 49.59 35.55 -54.93
CA ARG D 189 50.55 34.50 -54.54
C ARG D 189 51.16 33.86 -55.79
N HIS D 190 52.49 33.80 -55.86
CA HIS D 190 53.18 33.28 -57.04
C HIS D 190 52.47 32.05 -57.60
N HIS D 191 52.13 31.11 -56.71
CA HIS D 191 51.30 29.99 -57.11
C HIS D 191 50.52 29.45 -55.92
N THR D 192 49.28 29.04 -56.20
CA THR D 192 48.42 28.44 -55.18
C THR D 192 48.33 26.95 -55.44
N VAL D 193 48.54 26.55 -56.69
CA VAL D 193 48.57 25.15 -57.07
C VAL D 193 49.76 24.93 -58.01
N ALA D 194 50.39 23.77 -57.89
CA ALA D 194 51.41 23.34 -58.85
C ALA D 194 51.10 21.91 -59.27
N LEU D 195 51.32 21.60 -60.54
CA LEU D 195 50.93 20.30 -61.08
C LEU D 195 52.13 19.54 -61.65
N SER D 196 52.18 18.24 -61.35
CA SER D 196 53.19 17.35 -61.92
C SER D 196 52.58 16.00 -62.31
N ALA D 197 53.06 15.43 -63.40
CA ALA D 197 52.75 14.04 -63.74
C ALA D 197 53.51 13.13 -62.78
N PRO D 198 53.17 11.83 -62.78
CA PRO D 198 53.88 10.88 -61.92
C PRO D 198 55.40 10.96 -62.05
N ALA D 199 56.09 10.76 -60.94
CA ALA D 199 57.55 10.76 -60.95
C ALA D 199 58.11 9.71 -59.98
N LEU D 200 59.43 9.62 -59.91
CA LEU D 200 60.06 8.75 -58.94
C LEU D 200 59.47 9.06 -57.58
N GLY D 201 58.71 8.12 -57.03
CA GLY D 201 58.11 8.29 -55.72
C GLY D 201 56.60 8.42 -55.75
N LEU D 202 56.09 9.36 -56.54
CA LEU D 202 54.69 9.75 -56.42
C LEU D 202 53.76 9.30 -57.55
N LYS D 203 52.54 8.95 -57.16
CA LYS D 203 51.52 8.49 -58.10
C LYS D 203 50.40 9.53 -58.22
N PRO D 204 49.57 9.40 -59.27
CA PRO D 204 48.44 10.30 -59.43
C PRO D 204 47.63 10.42 -58.14
N GLY D 205 47.12 11.61 -57.86
CA GLY D 205 46.24 11.82 -56.71
C GLY D 205 46.95 12.00 -55.38
N MET D 206 48.28 11.99 -55.41
CA MET D 206 49.07 12.24 -54.21
C MET D 206 49.42 13.71 -54.04
N VAL D 207 49.55 14.13 -52.78
CA VAL D 207 50.00 15.46 -52.45
C VAL D 207 51.53 15.44 -52.38
N HIS D 208 52.17 16.27 -53.19
CA HIS D 208 53.62 16.41 -53.16
C HIS D 208 53.98 17.20 -51.92
N HIS D 209 53.44 18.41 -51.82
CA HIS D 209 53.63 19.20 -50.61
C HIS D 209 52.59 20.31 -50.46
N LEU D 210 52.54 20.84 -49.25
CA LEU D 210 51.75 22.01 -48.93
C LEU D 210 52.72 23.06 -48.43
N MET D 211 52.42 24.33 -48.70
CA MET D 211 53.28 25.41 -48.23
C MET D 211 52.50 26.45 -47.44
N LEU D 212 53.08 26.89 -46.32
CA LEU D 212 52.58 28.07 -45.60
C LEU D 212 53.66 29.16 -45.65
N GLU D 213 53.23 30.41 -45.54
CA GLU D 213 54.17 31.52 -45.67
C GLU D 213 54.23 32.41 -44.43
N ALA D 214 55.38 32.45 -43.77
CA ALA D 214 55.60 33.34 -42.63
C ALA D 214 55.90 34.76 -43.11
N LYS D 215 55.77 35.75 -42.22
CA LYS D 215 56.02 37.13 -42.59
C LYS D 215 57.43 37.60 -42.27
N SER D 216 58.29 36.68 -41.86
CA SER D 216 59.66 37.02 -41.52
C SER D 216 60.62 35.88 -41.81
N LYS D 217 61.82 36.25 -42.23
CA LYS D 217 62.91 35.31 -42.45
C LYS D 217 63.17 34.49 -41.18
N GLU D 218 63.15 35.19 -40.04
CA GLU D 218 63.52 34.59 -38.76
C GLU D 218 62.55 33.48 -38.37
N GLN D 219 61.28 33.66 -38.70
CA GLN D 219 60.29 32.63 -38.45
C GLN D 219 60.69 31.33 -39.13
N VAL D 220 61.22 31.44 -40.34
CA VAL D 220 61.65 30.24 -41.08
C VAL D 220 62.85 29.61 -40.39
N ASP D 221 63.85 30.42 -40.07
CA ASP D 221 65.06 29.93 -39.40
C ASP D 221 64.74 29.25 -38.07
N ARG D 222 63.83 29.84 -37.29
CA ARG D 222 63.43 29.26 -36.01
C ARG D 222 62.73 27.91 -36.22
N ALA D 223 61.77 27.89 -37.14
CA ALA D 223 61.05 26.66 -37.44
C ALA D 223 62.02 25.56 -37.83
N PHE D 224 62.96 25.91 -38.72
CA PHE D 224 63.99 24.96 -39.17
C PHE D 224 64.79 24.41 -38.00
N ALA D 225 65.21 25.30 -37.10
CA ALA D 225 65.92 24.85 -35.91
C ALA D 225 65.04 23.93 -35.08
N ALA D 226 63.75 24.26 -35.00
CA ALA D 226 62.79 23.46 -34.24
C ALA D 226 62.72 22.03 -34.74
N VAL D 227 62.68 21.86 -36.05
CA VAL D 227 62.65 20.52 -36.64
C VAL D 227 63.82 19.69 -36.11
N LYS D 228 65.01 20.28 -36.14
CA LYS D 228 66.21 19.58 -35.67
C LYS D 228 66.21 19.41 -34.15
N ARG D 229 65.95 20.50 -33.42
CA ARG D 229 65.94 20.47 -31.96
C ARG D 229 64.95 19.44 -31.42
N LEU D 230 63.81 19.30 -32.09
CA LEU D 230 62.78 18.35 -31.64
C LEU D 230 63.10 16.95 -32.14
N GLY D 231 64.28 16.80 -32.73
CA GLY D 231 64.81 15.49 -33.11
C GLY D 231 64.29 14.94 -34.42
N TYR D 232 63.61 15.78 -35.20
CA TYR D 232 63.05 15.34 -36.47
C TYR D 232 64.04 15.42 -37.62
N ASP D 233 63.59 15.00 -38.80
CA ASP D 233 64.42 14.98 -40.00
C ASP D 233 64.01 16.07 -40.97
N VAL D 234 64.99 16.62 -41.68
CA VAL D 234 64.72 17.63 -42.71
C VAL D 234 64.65 16.95 -44.06
N LEU D 235 63.62 17.28 -44.85
CA LEU D 235 63.51 16.77 -46.20
C LEU D 235 64.42 17.55 -47.14
N MET D 236 64.28 18.86 -47.11
CA MET D 236 65.15 19.76 -47.86
C MET D 236 65.59 20.92 -46.97
N THR D 237 66.89 21.15 -46.91
CA THR D 237 67.44 22.23 -46.08
C THR D 237 67.03 23.61 -46.62
N ILE D 238 67.24 24.63 -45.80
CA ILE D 238 66.92 25.99 -46.21
C ILE D 238 67.50 26.29 -47.60
N GLY D 239 66.72 26.99 -48.41
CA GLY D 239 67.12 27.34 -49.76
C GLY D 239 66.23 28.41 -50.34
N GLN D 240 66.40 28.68 -51.63
CA GLN D 240 65.62 29.69 -52.31
C GLN D 240 65.22 29.14 -53.68
N HIS D 241 63.93 29.13 -53.96
CA HIS D 241 63.44 28.65 -55.26
C HIS D 241 63.67 29.65 -56.37
N SER D 242 63.93 29.14 -57.57
CA SER D 242 64.24 29.99 -58.71
C SER D 242 63.02 30.79 -59.17
N ASN D 243 61.86 30.15 -59.19
CA ASN D 243 60.66 30.79 -59.72
C ASN D 243 59.96 31.71 -58.72
N ASP D 244 59.54 31.15 -57.58
CA ASP D 244 58.81 31.93 -56.59
C ASP D 244 59.73 32.78 -55.69
N LYS D 245 61.02 32.45 -55.68
CA LYS D 245 62.00 33.20 -54.89
C LYS D 245 61.83 33.00 -53.38
N VAL D 246 60.96 32.08 -53.00
CA VAL D 246 60.73 31.81 -51.57
C VAL D 246 61.98 31.31 -50.87
N TYR D 247 62.23 31.86 -49.69
CA TYR D 247 63.23 31.36 -48.77
C TYR D 247 62.51 30.33 -47.89
N SER D 248 62.89 29.07 -47.98
CA SER D 248 62.12 28.03 -47.31
C SER D 248 62.89 26.75 -47.00
N PHE D 249 62.26 25.91 -46.18
CA PHE D 249 62.73 24.56 -45.95
C PHE D 249 61.57 23.59 -46.08
N TYR D 250 61.88 22.32 -46.27
CA TYR D 250 60.85 21.29 -46.38
C TYR D 250 61.04 20.24 -45.28
N MET D 251 59.94 19.74 -44.77
CA MET D 251 59.96 18.60 -43.85
C MET D 251 58.95 17.56 -44.30
N MET D 252 59.24 16.29 -44.03
CA MET D 252 58.30 15.23 -44.31
C MET D 252 57.34 15.09 -43.13
N ALA D 253 56.05 15.32 -43.39
CA ALA D 253 55.05 15.21 -42.34
C ALA D 253 54.57 13.77 -42.21
N PRO D 254 54.15 13.38 -41.01
CA PRO D 254 53.62 12.03 -40.73
C PRO D 254 52.42 11.65 -41.58
N ALA D 255 51.70 12.65 -42.09
CA ALA D 255 50.51 12.38 -42.91
C ALA D 255 50.88 11.87 -44.30
N GLY D 256 52.18 11.83 -44.60
CA GLY D 256 52.66 11.22 -45.84
C GLY D 256 52.97 12.18 -46.97
N PHE D 257 53.06 13.47 -46.67
CA PHE D 257 53.46 14.46 -47.66
C PHE D 257 54.32 15.56 -47.00
N ALA D 258 55.06 16.29 -47.82
CA ALA D 258 55.97 17.31 -47.29
C ALA D 258 55.25 18.60 -46.89
N VAL D 259 55.79 19.28 -45.89
CA VAL D 259 55.29 20.58 -45.47
C VAL D 259 56.42 21.59 -45.64
N GLU D 260 56.12 22.69 -46.31
CA GLU D 260 57.09 23.74 -46.59
C GLU D 260 56.71 25.00 -45.80
N LEU D 261 57.68 25.61 -45.15
CA LEU D 261 57.49 26.91 -44.53
C LEU D 261 58.42 27.90 -45.22
N GLY D 262 57.84 28.95 -45.81
CA GLY D 262 58.63 29.87 -46.63
C GLY D 262 58.47 31.34 -46.28
N PHE D 263 59.35 32.17 -46.84
CA PHE D 263 59.29 33.60 -46.64
C PHE D 263 59.67 34.36 -47.93
N GLY D 264 58.96 35.46 -48.17
CA GLY D 264 59.32 36.37 -49.26
C GLY D 264 58.99 35.86 -50.65
N GLY D 265 57.81 35.28 -50.81
CA GLY D 265 57.34 34.82 -52.11
C GLY D 265 57.16 35.95 -53.11
N GLN D 266 57.53 35.70 -54.35
CA GLN D 266 57.27 36.64 -55.44
C GLN D 266 55.77 36.92 -55.54
N VAL D 267 55.41 38.19 -55.61
CA VAL D 267 54.02 38.59 -55.76
C VAL D 267 53.68 38.80 -57.24
N ILE D 268 52.52 38.31 -57.64
CA ILE D 268 51.99 38.60 -58.98
C ILE D 268 51.15 39.87 -58.88
N GLY D 269 51.77 41.00 -59.19
CA GLY D 269 51.14 42.31 -59.03
C GLY D 269 49.96 42.55 -59.96
N ASP D 270 50.14 42.21 -61.23
CA ASP D 270 49.08 42.34 -62.22
C ASP D 270 48.98 41.04 -63.01
N LEU D 271 47.90 40.31 -62.77
CA LEU D 271 47.72 39.01 -63.38
C LEU D 271 47.67 39.11 -64.90
N GLU D 272 47.02 40.17 -65.40
CA GLU D 272 46.84 40.33 -66.83
C GLU D 272 48.14 40.42 -67.62
N SER D 273 49.17 41.04 -67.03
CA SER D 273 50.42 41.26 -67.76
C SER D 273 51.57 40.34 -67.31
N TRP D 274 51.27 39.36 -66.47
CA TRP D 274 52.28 38.41 -66.02
C TRP D 274 52.86 37.61 -67.18
N HIS D 275 54.18 37.56 -67.26
CA HIS D 275 54.85 36.79 -68.30
C HIS D 275 55.18 35.38 -67.79
N VAL D 276 54.75 34.39 -68.55
CA VAL D 276 55.04 33.00 -68.20
C VAL D 276 56.55 32.78 -68.22
N GLY D 277 57.09 32.31 -67.10
CA GLY D 277 58.52 32.07 -66.99
C GLY D 277 58.91 30.62 -67.22
N PHE D 278 60.20 30.40 -67.50
CA PHE D 278 60.72 29.07 -67.71
C PHE D 278 62.09 28.94 -67.04
N TYR D 279 62.28 27.84 -66.32
CA TYR D 279 63.48 27.64 -65.51
C TYR D 279 64.02 26.21 -65.65
N ASP D 280 65.34 26.06 -65.59
CA ASP D 280 65.99 24.76 -65.77
C ASP D 280 66.38 24.09 -64.45
N ALA D 281 66.22 24.84 -63.36
CA ALA D 281 66.52 24.32 -62.03
C ALA D 281 65.54 24.90 -61.00
N PRO D 282 65.15 24.08 -60.02
CA PRO D 282 64.12 24.49 -59.06
C PRO D 282 64.61 25.51 -58.03
N SER D 283 65.93 25.55 -57.80
CA SER D 283 66.46 26.36 -56.73
C SER D 283 67.70 27.17 -57.11
N ILE D 284 67.83 28.36 -56.53
CA ILE D 284 69.00 29.21 -56.74
C ILE D 284 70.15 28.70 -55.87
N TRP D 285 69.85 28.44 -54.61
CA TRP D 285 70.84 27.93 -53.66
C TRP D 285 70.16 27.11 -52.57
N GLY D 286 70.94 26.32 -51.84
CA GLY D 286 70.41 25.51 -50.74
C GLY D 286 69.41 24.47 -51.21
N HIS D 287 68.40 24.21 -50.38
CA HIS D 287 67.39 23.21 -50.71
C HIS D 287 68.02 21.85 -51.00
N GLU D 288 68.99 21.47 -50.17
CA GLU D 288 69.69 20.20 -50.32
C GLU D 288 68.81 19.05 -49.84
N LEU D 289 68.58 18.08 -50.72
CA LEU D 289 67.80 16.90 -50.39
C LEU D 289 68.50 16.13 -49.27
N GLN D 290 67.77 15.86 -48.19
CA GLN D 290 68.36 15.26 -47.00
C GLN D 290 69.29 16.28 -46.32
#